data_7BH9
#
_entry.id   7BH9
#
_cell.length_a   1.00
_cell.length_b   1.00
_cell.length_c   1.00
_cell.angle_alpha   90.00
_cell.angle_beta   90.00
_cell.angle_gamma   90.00
#
_symmetry.space_group_name_H-M   'P 1'
#
loop_
_entity.id
_entity.type
_entity.pdbx_description
1 polymer 'Angiotensin-converting enzyme 2'
2 polymer 'Spike protein S1'
3 non-polymer 'ZINC ION'
4 non-polymer 2-acetamido-2-deoxy-beta-D-glucopyranose
#
loop_
_entity_poly.entity_id
_entity_poly.type
_entity_poly.pdbx_seq_one_letter_code
_entity_poly.pdbx_strand_id
1 'polypeptide(L)'
;GSSTIEEQAKTFLDKFNHEAEDLFYQSSLASWNYNTNITEENVQNMNNAGDKWSAFLKEQSTLAQMYPLQEIQNLTVKLQ
LQALQQNGSSVLSEDKSKRLNTILNTMSTIYSTGKVCNPDNPQECLLLEPGLNEIMANSLDYNERLWAWESWRSEVGKQL
RPLYEEYVVLKNEMARANHYEDYGDYWRGDYEVNGVDGYDYSRGQLIEDVEHTFEEIKPLYEHLHAYVRAKLMNAYPSYI
SPIGCLPAHLLGDMWGRFWTNLYSLTVPFGQKPNIDVTDAMVDQAWDAQRIFKEAEKFFVSVGLPNMTQGFWENSMLTDP
GNVQKAVCHPTAWDLGKGDFRILMCTKVTMDDFLTAHHEMGHIQYDMAYAAQPFLLRNGANEGFHEAVGEIMSLSAATPK
HLKSIGLLSPDFQEDNETEINFLLKQALTIVGTLPFTYMLEKWRWMVFKGEIPKDQWMKKWWEMKREIVGVVEPVPHDET
YCDPASLFHVSNDYSFIRYYTRTLYQFQFQEALCQAAKHEGPLHKCDISNSTEAGQKLFNMLRLGKSEPWTLALENVVGA
KNMNVRPLLNYFEPLFTWLKDQNKNSFVGWSTDWSPYADGGSGTHHHHHH
;
A
2 'polypeptide(L)'
;TNLCPFGEVFNATRFASVYAWNRKRFSNCVADYSVLYNSASFSTFKCYGVSPTKLNDLCFTNVYADSFVIRGDEVRQIAP
GQTGKIADYNYKLPDDFTGCVIAWNSNNLDSKKGGNYNYLYRLFRKSKLKPFERDTSMEIYQAGNTPCNGVKGFNCYFPL
QSYGFRPTYGVGYQPYRVVVLSFELLHAPATVCGPKHHHHHH
;
E
#
loop_
_chem_comp.id
_chem_comp.type
_chem_comp.name
_chem_comp.formula
NAG D-saccharide, beta linking 2-acetamido-2-deoxy-beta-D-glucopyranose 'C8 H15 N O6'
ZN non-polymer 'ZINC ION' 'Zn 2'
#
# COMPACT_ATOMS: atom_id res chain seq x y z
N SER A 3 -18.56 5.20 35.88
CA SER A 3 -18.03 5.62 34.59
C SER A 3 -18.23 4.51 33.54
N THR A 4 -18.98 4.81 32.48
CA THR A 4 -19.33 3.80 31.45
C THR A 4 -18.08 3.18 30.83
N ILE A 5 -18.20 1.97 30.27
CA ILE A 5 -17.01 1.28 29.72
C ILE A 5 -16.60 1.92 28.40
N GLU A 6 -17.33 2.91 27.91
CA GLU A 6 -16.88 3.63 26.70
C GLU A 6 -15.80 4.64 27.06
N GLU A 7 -15.99 5.48 28.08
CA GLU A 7 -15.02 6.48 28.52
C GLU A 7 -13.68 5.83 28.87
N GLN A 8 -13.71 4.70 29.55
CA GLN A 8 -12.48 4.00 29.84
C GLN A 8 -11.78 3.51 28.58
N ALA A 9 -12.56 3.14 27.55
CA ALA A 9 -11.97 2.77 26.27
C ALA A 9 -11.31 3.96 25.60
N LYS A 10 -11.95 5.13 25.63
CA LYS A 10 -11.34 6.32 25.04
C LYS A 10 -10.04 6.68 25.73
N THR A 11 -9.98 6.55 27.05
CA THR A 11 -8.75 6.85 27.78
C THR A 11 -7.64 5.84 27.45
N PHE A 12 -7.98 4.55 27.44
CA PHE A 12 -7.02 3.54 27.06
C PHE A 12 -6.46 3.80 25.68
N LEU A 13 -7.30 4.24 24.75
CA LEU A 13 -6.85 4.44 23.37
C LEU A 13 -5.96 5.67 23.24
N ASP A 14 -6.29 6.75 23.95
CA ASP A 14 -5.41 7.90 23.79
C ASP A 14 -4.08 7.73 24.54
N LYS A 15 -3.97 6.76 25.44
CA LYS A 15 -2.66 6.36 25.94
C LYS A 15 -1.90 5.49 24.92
N PHE A 16 -2.59 4.50 24.36
CA PHE A 16 -1.96 3.61 23.39
C PHE A 16 -1.35 4.38 22.22
N ASN A 17 -2.09 5.35 21.69
CA ASN A 17 -1.62 6.07 20.51
C ASN A 17 -0.28 6.74 20.77
N HIS A 18 -0.19 7.45 21.90
CA HIS A 18 1.00 8.20 22.25
C HIS A 18 2.21 7.30 22.43
N GLU A 19 2.04 6.10 22.97
CA GLU A 19 3.23 5.24 23.09
C GLU A 19 3.61 4.55 21.78
N ALA A 20 2.61 4.09 21.02
CA ALA A 20 2.89 3.35 19.80
C ALA A 20 3.55 4.21 18.74
N GLU A 21 3.20 5.49 18.68
CA GLU A 21 3.82 6.37 17.68
C GLU A 21 5.35 6.35 17.81
N ASP A 22 5.85 6.49 19.04
CA ASP A 22 7.29 6.56 19.27
C ASP A 22 7.97 5.22 19.00
N LEU A 23 7.40 4.14 19.54
CA LEU A 23 8.03 2.85 19.30
C LEU A 23 8.13 2.53 17.82
N PHE A 24 7.05 2.80 17.07
CA PHE A 24 7.04 2.52 15.64
C PHE A 24 8.02 3.38 14.87
N TYR A 25 8.14 4.67 15.23
CA TYR A 25 9.12 5.51 14.55
C TYR A 25 10.51 4.93 14.68
N GLN A 26 10.92 4.58 15.88
CA GLN A 26 12.31 4.12 15.99
C GLN A 26 12.53 2.77 15.31
N SER A 27 11.55 1.86 15.35
CA SER A 27 11.66 0.63 14.56
C SER A 27 11.86 0.90 13.06
N SER A 28 11.03 1.75 12.47
CA SER A 28 11.14 1.99 11.03
C SER A 28 12.42 2.75 10.67
N LEU A 29 12.90 3.62 11.55
CA LEU A 29 14.17 4.28 11.30
C LEU A 29 15.32 3.27 11.27
N ALA A 30 15.29 2.30 12.18
CA ALA A 30 16.29 1.24 12.15
C ALA A 30 16.25 0.49 10.82
N SER A 31 15.04 0.15 10.36
CA SER A 31 14.92 -0.61 9.10
C SER A 31 15.44 0.19 7.91
N TRP A 32 15.16 1.49 7.87
CA TRP A 32 15.67 2.33 6.77
C TRP A 32 17.19 2.40 6.81
N ASN A 33 17.76 2.64 7.99
CA ASN A 33 19.20 2.69 8.12
C ASN A 33 19.85 1.40 7.65
N TYR A 34 19.19 0.26 7.88
CA TYR A 34 19.71 -0.98 7.32
C TYR A 34 19.64 -0.99 5.80
N ASN A 35 18.46 -0.68 5.25
CA ASN A 35 18.26 -0.84 3.81
C ASN A 35 19.20 0.02 2.99
N THR A 36 19.42 1.27 3.40
CA THR A 36 20.26 2.15 2.60
C THR A 36 21.75 1.90 2.78
N ASN A 37 22.16 1.06 3.73
CA ASN A 37 23.58 0.83 4.00
C ASN A 37 23.69 -0.53 4.67
N ILE A 38 23.96 -1.56 3.89
CA ILE A 38 23.99 -2.93 4.41
C ILE A 38 25.34 -3.19 5.06
N THR A 39 25.33 -3.49 6.35
CA THR A 39 26.52 -3.88 7.09
C THR A 39 26.16 -5.02 8.03
N GLU A 40 27.05 -5.30 8.98
CA GLU A 40 26.80 -6.29 10.01
C GLU A 40 26.24 -5.70 11.30
N GLU A 41 26.63 -4.48 11.63
CA GLU A 41 26.10 -3.80 12.81
C GLU A 41 24.63 -3.44 12.65
N ASN A 42 24.14 -3.30 11.41
CA ASN A 42 22.79 -2.82 11.18
C ASN A 42 21.73 -3.92 11.20
N VAL A 43 22.10 -5.16 10.82
CA VAL A 43 21.15 -6.26 10.90
C VAL A 43 20.75 -6.54 12.33
N GLN A 44 21.55 -6.11 13.31
CA GLN A 44 21.21 -6.29 14.72
C GLN A 44 20.39 -5.12 15.26
N ASN A 45 20.75 -3.90 14.88
CA ASN A 45 19.96 -2.74 15.27
C ASN A 45 18.56 -2.77 14.66
N MET A 46 18.38 -3.49 13.56
CA MET A 46 17.04 -3.70 13.05
C MET A 46 16.24 -4.66 13.93
N ASN A 47 16.86 -5.76 14.34
CA ASN A 47 16.16 -6.80 15.09
C ASN A 47 15.80 -6.33 16.49
N ASN A 48 16.66 -5.53 17.10
CA ASN A 48 16.38 -4.96 18.43
C ASN A 48 15.03 -4.24 18.43
N ALA A 49 14.90 -3.22 17.60
CA ALA A 49 13.69 -2.42 17.56
C ALA A 49 12.50 -3.21 17.05
N GLY A 50 12.70 -4.13 16.10
CA GLY A 50 11.59 -4.97 15.68
C GLY A 50 11.00 -5.77 16.82
N ASP A 51 11.86 -6.38 17.63
CA ASP A 51 11.38 -7.17 18.76
C ASP A 51 10.67 -6.29 19.79
N LYS A 52 11.22 -5.11 20.07
CA LYS A 52 10.57 -4.20 21.01
C LYS A 52 9.16 -3.85 20.55
N TRP A 53 9.00 -3.47 19.28
CA TRP A 53 7.69 -3.09 18.77
C TRP A 53 6.70 -4.24 18.83
N SER A 54 7.14 -5.45 18.44
CA SER A 54 6.22 -6.57 18.44
C SER A 54 5.75 -6.92 19.86
N ALA A 55 6.67 -6.86 20.84
CA ALA A 55 6.28 -7.13 22.22
C ALA A 55 5.27 -6.11 22.73
N PHE A 56 5.49 -4.82 22.43
CA PHE A 56 4.53 -3.80 22.81
C PHE A 56 3.15 -4.10 22.25
N LEU A 57 3.07 -4.40 20.96
CA LEU A 57 1.77 -4.68 20.35
C LEU A 57 1.07 -5.86 21.03
N LYS A 58 1.83 -6.92 21.31
CA LYS A 58 1.23 -8.09 21.96
C LYS A 58 0.61 -7.71 23.30
N GLU A 59 1.36 -6.99 24.14
CA GLU A 59 0.85 -6.63 25.46
C GLU A 59 -0.39 -5.75 25.36
N GLN A 60 -0.39 -4.77 24.45
CA GLN A 60 -1.52 -3.86 24.35
C GLN A 60 -2.77 -4.57 23.87
N SER A 61 -2.63 -5.50 22.91
CA SER A 61 -3.79 -6.27 22.50
C SER A 61 -4.36 -7.10 23.64
N THR A 62 -3.46 -7.77 24.39
CA THR A 62 -3.90 -8.58 25.52
C THR A 62 -4.72 -7.77 26.51
N LEU A 63 -4.26 -6.57 26.86
CA LEU A 63 -5.02 -5.82 27.84
C LEU A 63 -6.13 -4.96 27.23
N ALA A 64 -6.22 -4.90 25.89
CA ALA A 64 -7.37 -4.26 25.26
C ALA A 64 -8.56 -5.20 25.20
N GLN A 65 -8.31 -6.51 25.19
CA GLN A 65 -9.42 -7.47 25.13
C GLN A 65 -10.40 -7.41 26.29
N MET A 66 -10.21 -6.51 27.25
CA MET A 66 -11.06 -6.44 28.43
C MET A 66 -12.19 -5.42 28.31
N TYR A 67 -12.39 -4.82 27.15
CA TYR A 67 -13.49 -3.89 26.94
C TYR A 67 -14.47 -4.49 25.94
N PRO A 68 -15.65 -4.92 26.36
CA PRO A 68 -16.56 -5.61 25.44
C PRO A 68 -17.22 -4.62 24.48
N LEU A 69 -17.22 -4.99 23.18
CA LEU A 69 -17.65 -4.06 22.13
C LEU A 69 -19.14 -3.72 22.21
N GLN A 70 -19.95 -4.55 22.87
CA GLN A 70 -21.39 -4.31 22.88
C GLN A 70 -21.77 -3.08 23.70
N GLU A 71 -20.87 -2.57 24.53
CA GLU A 71 -21.16 -1.42 25.37
C GLU A 71 -20.63 -0.11 24.79
N ILE A 72 -20.40 -0.06 23.48
CA ILE A 72 -19.83 1.11 22.83
C ILE A 72 -20.76 1.53 21.70
N GLN A 73 -21.19 2.79 21.72
CA GLN A 73 -22.07 3.34 20.71
C GLN A 73 -21.35 4.15 19.64
N ASN A 74 -20.19 4.71 19.97
CA ASN A 74 -19.38 5.42 18.98
C ASN A 74 -18.70 4.41 18.06
N LEU A 75 -18.74 4.67 16.75
CA LEU A 75 -18.27 3.71 15.76
C LEU A 75 -16.81 3.88 15.39
N THR A 76 -16.15 4.95 15.83
CA THR A 76 -14.71 5.09 15.61
C THR A 76 -13.92 4.37 16.70
N VAL A 77 -14.32 4.56 17.96
CA VAL A 77 -13.78 3.79 19.06
C VAL A 77 -13.92 2.29 18.78
N LYS A 78 -15.04 1.90 18.17
CA LYS A 78 -15.25 0.49 17.84
C LYS A 78 -14.28 0.02 16.78
N LEU A 79 -14.02 0.85 15.75
CA LEU A 79 -13.07 0.49 14.71
C LEU A 79 -11.69 0.26 15.29
N GLN A 80 -11.23 1.18 16.14
CA GLN A 80 -9.88 1.05 16.69
C GLN A 80 -9.79 -0.13 17.66
N LEU A 81 -10.80 -0.32 18.50
CA LEU A 81 -10.77 -1.45 19.43
C LEU A 81 -10.82 -2.78 18.69
N GLN A 82 -11.61 -2.89 17.63
CA GLN A 82 -11.56 -4.07 16.78
C GLN A 82 -10.16 -4.27 16.20
N ALA A 83 -9.55 -3.20 15.71
CA ALA A 83 -8.21 -3.30 15.15
C ALA A 83 -7.22 -3.81 16.18
N LEU A 84 -7.46 -3.53 17.45
CA LEU A 84 -6.54 -3.93 18.50
C LEU A 84 -6.88 -5.26 19.16
N GLN A 85 -8.15 -5.64 19.20
CA GLN A 85 -8.61 -6.84 19.89
C GLN A 85 -8.42 -8.12 19.08
N GLN A 86 -7.64 -8.11 18.01
CA GLN A 86 -7.51 -9.30 17.17
C GLN A 86 -6.48 -10.27 17.74
N ASN A 87 -6.82 -11.56 17.72
CA ASN A 87 -5.99 -12.57 18.39
C ASN A 87 -4.80 -13.00 17.52
N GLY A 88 -5.08 -13.60 16.37
CA GLY A 88 -4.03 -14.21 15.57
C GLY A 88 -3.66 -15.59 16.05
N SER A 89 -2.47 -16.04 15.67
CA SER A 89 -1.98 -17.37 16.02
C SER A 89 -1.82 -17.52 17.53
N SER A 90 -2.12 -16.46 18.28
CA SER A 90 -2.20 -16.55 19.72
C SER A 90 -3.30 -17.51 20.18
N VAL A 91 -4.25 -17.85 19.31
CA VAL A 91 -5.31 -18.76 19.71
C VAL A 91 -4.87 -20.22 19.70
N LEU A 92 -3.81 -20.56 18.98
CA LEU A 92 -3.35 -21.94 18.90
C LEU A 92 -2.59 -22.30 20.16
N SER A 93 -1.96 -23.47 20.16
CA SER A 93 -1.12 -23.90 21.27
C SER A 93 0.25 -23.25 21.14
N GLU A 94 1.23 -23.78 21.87
CA GLU A 94 2.62 -23.40 21.65
C GLU A 94 3.30 -24.30 20.62
N ASP A 95 3.06 -25.61 20.73
CA ASP A 95 3.58 -26.54 19.73
C ASP A 95 3.05 -26.20 18.35
N LYS A 96 1.76 -25.88 18.23
CA LYS A 96 1.19 -25.63 16.92
C LYS A 96 1.70 -24.31 16.34
N SER A 97 1.90 -23.30 17.17
CA SER A 97 2.47 -22.05 16.69
C SER A 97 3.88 -22.27 16.17
N LYS A 98 4.70 -23.01 16.92
CA LYS A 98 6.07 -23.26 16.48
C LYS A 98 6.10 -24.10 15.21
N ARG A 99 5.19 -25.07 15.11
CA ARG A 99 5.11 -25.90 13.91
C ARG A 99 4.72 -25.08 12.70
N LEU A 100 3.74 -24.18 12.85
CA LEU A 100 3.35 -23.32 11.74
C LEU A 100 4.50 -22.43 11.29
N ASN A 101 5.26 -21.86 12.24
CA ASN A 101 6.38 -21.02 11.84
C ASN A 101 7.48 -21.82 11.14
N THR A 102 7.77 -23.03 11.64
CA THR A 102 8.76 -23.86 10.95
C THR A 102 8.32 -24.19 9.53
N ILE A 103 7.04 -24.54 9.35
CA ILE A 103 6.54 -24.84 8.02
C ILE A 103 6.69 -23.63 7.10
N LEU A 104 6.34 -22.44 7.60
CA LEU A 104 6.40 -21.26 6.76
C LEU A 104 7.84 -20.94 6.36
N ASN A 105 8.79 -21.04 7.30
CA ASN A 105 10.18 -20.74 6.97
C ASN A 105 10.76 -21.77 6.00
N THR A 106 10.42 -23.04 6.15
CA THR A 106 10.88 -24.05 5.22
C THR A 106 10.34 -23.81 3.82
N MET A 107 9.04 -23.49 3.72
CA MET A 107 8.45 -23.21 2.42
C MET A 107 9.07 -22.00 1.75
N SER A 108 9.44 -20.98 2.53
CA SER A 108 10.06 -19.81 1.92
C SER A 108 11.48 -20.09 1.43
N THR A 109 12.29 -20.77 2.26
CA THR A 109 13.67 -21.01 1.85
C THR A 109 13.81 -22.07 0.77
N ILE A 110 12.86 -23.00 0.66
CA ILE A 110 12.89 -23.92 -0.48
C ILE A 110 12.70 -23.15 -1.78
N TYR A 111 11.88 -22.10 -1.75
CA TYR A 111 11.64 -21.32 -2.95
C TYR A 111 12.83 -20.44 -3.28
N SER A 112 13.35 -19.70 -2.30
CA SER A 112 14.30 -18.63 -2.60
C SER A 112 15.71 -19.11 -2.95
N THR A 113 16.03 -20.40 -2.76
CA THR A 113 17.36 -20.90 -3.07
C THR A 113 17.32 -22.13 -3.97
N GLY A 114 16.29 -22.28 -4.80
CA GLY A 114 16.16 -23.46 -5.63
C GLY A 114 16.90 -23.32 -6.94
N LYS A 115 17.49 -24.43 -7.38
CA LYS A 115 18.32 -24.45 -8.59
C LYS A 115 18.08 -25.76 -9.34
N VAL A 116 18.19 -25.69 -10.66
CA VAL A 116 18.00 -26.85 -11.52
C VAL A 116 19.24 -27.05 -12.37
N CYS A 117 19.37 -28.24 -12.93
CA CYS A 117 20.53 -28.60 -13.74
C CYS A 117 20.09 -29.17 -15.07
N CYS A 125 23.38 -25.35 -14.25
CA CYS A 125 23.13 -25.00 -12.86
C CYS A 125 22.57 -23.60 -12.76
N LEU A 126 21.27 -23.46 -13.00
CA LEU A 126 20.62 -22.16 -13.10
C LEU A 126 19.64 -21.97 -11.95
N LEU A 127 19.65 -20.77 -11.38
CA LEU A 127 18.64 -20.37 -10.42
C LEU A 127 17.48 -19.71 -11.16
N LEU A 128 16.39 -19.47 -10.43
CA LEU A 128 15.21 -18.88 -11.06
C LEU A 128 15.51 -17.46 -11.53
N GLU A 129 16.23 -16.68 -10.73
CA GLU A 129 16.62 -15.34 -11.11
C GLU A 129 18.13 -15.22 -11.15
N PRO A 130 18.74 -14.86 -12.29
CA PRO A 130 18.08 -14.60 -13.56
C PRO A 130 18.22 -15.74 -14.54
N GLY A 131 18.55 -16.92 -14.02
CA GLY A 131 18.86 -18.05 -14.87
C GLY A 131 17.70 -18.51 -15.74
N LEU A 132 16.63 -19.00 -15.11
CA LEU A 132 15.50 -19.54 -15.85
C LEU A 132 14.51 -18.47 -16.28
N ASN A 133 14.62 -17.24 -15.78
CA ASN A 133 13.72 -16.18 -16.24
C ASN A 133 14.14 -15.61 -17.59
N GLU A 134 15.44 -15.64 -17.91
CA GLU A 134 15.90 -15.17 -19.21
C GLU A 134 15.63 -16.18 -20.32
N ILE A 135 15.43 -17.45 -19.98
CA ILE A 135 15.05 -18.44 -20.98
C ILE A 135 13.55 -18.35 -21.26
N MET A 136 12.77 -17.85 -20.31
CA MET A 136 11.32 -17.73 -20.48
C MET A 136 10.91 -16.41 -21.11
N ALA A 137 11.70 -15.36 -20.92
CA ALA A 137 11.35 -14.06 -21.48
C ALA A 137 11.95 -13.80 -22.85
N ASN A 138 12.98 -14.56 -23.25
CA ASN A 138 13.76 -14.19 -24.43
C ASN A 138 13.85 -15.30 -25.46
N SER A 139 13.90 -16.55 -25.02
CA SER A 139 14.14 -17.64 -25.95
C SER A 139 13.02 -17.74 -26.97
N LEU A 140 13.34 -18.37 -28.11
CA LEU A 140 12.37 -18.61 -29.17
C LEU A 140 12.36 -20.08 -29.56
N ASP A 141 12.80 -20.97 -28.67
CA ASP A 141 12.88 -22.39 -28.92
C ASP A 141 11.82 -23.10 -28.11
N TYR A 142 11.06 -23.99 -28.76
CA TYR A 142 10.05 -24.77 -28.06
C TYR A 142 10.68 -25.72 -27.04
N ASN A 143 11.75 -26.41 -27.44
CA ASN A 143 12.32 -27.45 -26.60
C ASN A 143 13.04 -26.87 -25.38
N GLU A 144 13.77 -25.77 -25.56
CA GLU A 144 14.47 -25.16 -24.44
C GLU A 144 13.50 -24.56 -23.43
N ARG A 145 12.45 -23.88 -23.91
CA ARG A 145 11.44 -23.33 -23.02
C ARG A 145 10.72 -24.43 -22.28
N LEU A 146 10.37 -25.52 -22.98
CA LEU A 146 9.72 -26.64 -22.32
C LEU A 146 10.61 -27.23 -21.24
N TRP A 147 11.92 -27.34 -21.52
CA TRP A 147 12.84 -27.87 -20.52
C TRP A 147 12.87 -26.99 -19.27
N ALA A 148 13.01 -25.67 -19.44
CA ALA A 148 13.04 -24.79 -18.27
C ALA A 148 11.75 -24.87 -17.48
N TRP A 149 10.60 -24.88 -18.17
CA TRP A 149 9.30 -24.95 -17.52
C TRP A 149 9.16 -26.22 -16.70
N GLU A 150 9.37 -27.37 -17.33
CA GLU A 150 9.19 -28.63 -16.62
C GLU A 150 10.23 -28.82 -15.52
N SER A 151 11.43 -28.29 -15.69
CA SER A 151 12.43 -28.40 -14.63
C SER A 151 12.03 -27.61 -13.40
N TRP A 152 11.60 -26.36 -13.57
CA TRP A 152 11.15 -25.61 -12.40
C TRP A 152 9.92 -26.25 -11.77
N ARG A 153 9.05 -26.87 -12.58
CA ARG A 153 7.87 -27.53 -12.01
C ARG A 153 8.24 -28.79 -11.25
N SER A 154 9.27 -29.51 -11.70
CA SER A 154 9.58 -30.82 -11.16
C SER A 154 10.67 -30.81 -10.10
N GLU A 155 11.35 -29.68 -9.88
CA GLU A 155 12.35 -29.62 -8.82
C GLU A 155 11.82 -28.97 -7.55
N VAL A 156 11.19 -27.81 -7.66
CA VAL A 156 10.80 -27.04 -6.49
C VAL A 156 9.44 -27.46 -5.95
N GLY A 157 8.40 -27.49 -6.79
CA GLY A 157 7.06 -27.76 -6.30
C GLY A 157 6.91 -29.15 -5.69
N LYS A 158 7.59 -30.14 -6.26
CA LYS A 158 7.55 -31.49 -5.70
C LYS A 158 8.04 -31.53 -4.26
N GLN A 159 8.86 -30.57 -3.85
CA GLN A 159 9.30 -30.44 -2.47
C GLN A 159 8.34 -29.66 -1.61
N LEU A 160 7.47 -28.85 -2.21
CA LEU A 160 6.55 -27.98 -1.50
C LEU A 160 5.16 -28.58 -1.37
N ARG A 161 4.89 -29.72 -1.98
CA ARG A 161 3.58 -30.34 -1.82
C ARG A 161 3.23 -30.65 -0.36
N PRO A 162 3.97 -31.51 0.35
CA PRO A 162 3.48 -31.93 1.69
C PRO A 162 3.52 -30.82 2.74
N LEU A 163 4.51 -29.93 2.67
CA LEU A 163 4.49 -28.76 3.54
C LEU A 163 3.21 -27.95 3.33
N TYR A 164 2.77 -27.82 2.08
CA TYR A 164 1.53 -27.08 1.80
C TYR A 164 0.33 -27.82 2.35
N GLU A 165 0.33 -29.15 2.23
CA GLU A 165 -0.76 -29.93 2.77
C GLU A 165 -0.91 -29.72 4.27
N GLU A 166 0.21 -29.56 4.99
CA GLU A 166 0.11 -29.33 6.43
C GLU A 166 -0.22 -27.87 6.77
N TYR A 167 0.34 -26.96 5.99
CA TYR A 167 -0.03 -25.55 6.03
C TYR A 167 -1.54 -25.35 6.03
N VAL A 168 -2.24 -26.07 5.13
CA VAL A 168 -3.67 -25.86 4.99
C VAL A 168 -4.40 -26.23 6.27
N VAL A 169 -4.05 -27.37 6.86
CA VAL A 169 -4.70 -27.82 8.10
C VAL A 169 -4.49 -26.81 9.21
N LEU A 170 -3.23 -26.38 9.41
CA LEU A 170 -2.94 -25.49 10.53
C LEU A 170 -3.61 -24.14 10.35
N LYS A 171 -3.61 -23.60 9.12
CA LYS A 171 -4.24 -22.30 8.89
C LYS A 171 -5.75 -22.38 9.06
N ASN A 172 -6.37 -23.47 8.59
CA ASN A 172 -7.81 -23.61 8.72
C ASN A 172 -8.23 -23.66 10.18
N GLU A 173 -7.50 -24.40 11.01
CA GLU A 173 -7.93 -24.46 12.41
C GLU A 173 -7.61 -23.18 13.16
N MET A 174 -6.50 -22.49 12.81
CA MET A 174 -6.25 -21.17 13.36
C MET A 174 -7.39 -20.22 13.08
N ALA A 175 -7.92 -20.24 11.84
CA ALA A 175 -9.00 -19.32 11.49
C ALA A 175 -10.33 -19.74 12.06
N ARG A 176 -10.58 -21.04 12.21
CA ARG A 176 -11.82 -21.50 12.82
C ARG A 176 -11.87 -21.16 14.31
N ALA A 177 -10.73 -21.18 14.99
CA ALA A 177 -10.73 -20.79 16.40
C ALA A 177 -10.93 -19.29 16.62
N ASN A 178 -10.98 -18.50 15.54
CA ASN A 178 -11.21 -17.06 15.62
C ASN A 178 -12.62 -16.68 15.17
N HIS A 179 -13.53 -17.65 15.14
CA HIS A 179 -14.94 -17.43 14.83
C HIS A 179 -15.17 -17.10 13.36
N TYR A 180 -14.30 -17.57 12.49
CA TYR A 180 -14.55 -17.60 11.05
C TYR A 180 -14.96 -19.02 10.68
N GLU A 181 -15.13 -19.28 9.39
CA GLU A 181 -15.45 -20.64 8.96
C GLU A 181 -14.30 -21.33 8.26
N ASP A 182 -13.38 -20.58 7.66
CA ASP A 182 -12.13 -21.14 7.13
C ASP A 182 -11.17 -19.99 6.91
N TYR A 183 -10.03 -20.27 6.27
CA TYR A 183 -9.01 -19.24 6.07
C TYR A 183 -9.35 -18.32 4.90
N GLY A 184 -10.06 -18.82 3.89
CA GLY A 184 -10.51 -17.95 2.83
C GLY A 184 -11.48 -16.89 3.33
N ASP A 185 -12.36 -17.26 4.25
CA ASP A 185 -13.26 -16.30 4.88
C ASP A 185 -12.49 -15.26 5.68
N TYR A 186 -11.49 -15.70 6.44
CA TYR A 186 -10.58 -14.78 7.10
C TYR A 186 -10.04 -13.76 6.13
N TRP A 187 -9.51 -14.25 4.99
CA TRP A 187 -8.93 -13.35 3.99
C TRP A 187 -9.96 -12.38 3.43
N ARG A 188 -11.16 -12.86 3.11
CA ARG A 188 -12.21 -11.98 2.58
C ARG A 188 -12.74 -11.01 3.61
N GLY A 189 -12.41 -11.19 4.89
CA GLY A 189 -12.84 -10.26 5.92
C GLY A 189 -12.29 -8.84 5.86
N ASP A 190 -11.56 -8.49 4.82
CA ASP A 190 -11.08 -7.12 4.67
C ASP A 190 -12.12 -6.21 4.05
N TYR A 191 -13.08 -6.76 3.32
CA TYR A 191 -14.14 -6.01 2.66
C TYR A 191 -15.46 -6.13 3.39
N GLU A 192 -15.47 -6.13 4.71
CA GLU A 192 -16.70 -6.26 5.47
C GLU A 192 -17.03 -4.95 6.18
N VAL A 193 -18.32 -4.60 6.17
CA VAL A 193 -18.83 -3.41 6.85
C VAL A 193 -20.07 -3.81 7.62
N ASN A 194 -20.17 -3.36 8.87
CA ASN A 194 -21.36 -3.57 9.69
C ASN A 194 -21.77 -2.26 10.32
N GLY A 195 -23.03 -2.19 10.75
CA GLY A 195 -23.52 -1.11 11.56
C GLY A 195 -23.84 0.19 10.84
N VAL A 196 -23.42 0.35 9.59
CA VAL A 196 -23.71 1.55 8.82
C VAL A 196 -24.95 1.31 7.99
N ASP A 197 -25.84 2.30 7.95
CA ASP A 197 -27.13 2.15 7.28
C ASP A 197 -27.01 2.58 5.83
N GLY A 198 -27.04 1.61 4.92
CA GLY A 198 -26.94 1.87 3.50
C GLY A 198 -25.61 1.48 2.88
N TYR A 199 -24.58 1.27 3.69
CA TYR A 199 -23.23 1.00 3.23
C TYR A 199 -22.69 -0.28 3.85
N ASP A 200 -23.49 -1.34 3.83
CA ASP A 200 -23.11 -2.62 4.40
C ASP A 200 -22.61 -3.57 3.32
N TYR A 201 -21.79 -4.52 3.75
CA TYR A 201 -21.12 -5.43 2.83
C TYR A 201 -20.62 -6.63 3.62
N SER A 202 -20.85 -7.82 3.11
CA SER A 202 -20.53 -9.04 3.82
C SER A 202 -19.31 -9.73 3.19
N ARG A 203 -18.91 -10.84 3.78
CA ARG A 203 -17.77 -11.61 3.29
C ARG A 203 -18.16 -12.65 2.24
N GLY A 204 -19.44 -12.85 2.00
CA GLY A 204 -19.91 -13.74 0.97
C GLY A 204 -20.39 -13.04 -0.28
N GLN A 205 -20.29 -11.72 -0.33
CA GLN A 205 -20.74 -10.95 -1.47
C GLN A 205 -19.60 -10.57 -2.41
N LEU A 206 -18.36 -10.65 -1.93
CA LEU A 206 -17.21 -10.39 -2.80
C LEU A 206 -17.10 -11.45 -3.90
N ILE A 207 -17.37 -12.71 -3.57
CA ILE A 207 -17.40 -13.77 -4.57
C ILE A 207 -18.42 -13.45 -5.64
N GLU A 208 -19.61 -13.01 -5.24
CA GLU A 208 -20.67 -12.69 -6.18
C GLU A 208 -20.27 -11.54 -7.10
N ASP A 209 -19.69 -10.48 -6.53
CA ASP A 209 -19.28 -9.34 -7.35
C ASP A 209 -18.21 -9.73 -8.35
N VAL A 210 -17.21 -10.50 -7.91
CA VAL A 210 -16.13 -10.90 -8.80
C VAL A 210 -16.67 -11.74 -9.96
N GLU A 211 -17.51 -12.72 -9.65
CA GLU A 211 -18.06 -13.58 -10.69
C GLU A 211 -19.07 -12.85 -11.58
N HIS A 212 -19.67 -11.76 -11.09
CA HIS A 212 -20.59 -11.00 -11.92
C HIS A 212 -19.86 -10.06 -12.86
N THR A 213 -18.67 -9.59 -12.50
CA THR A 213 -17.91 -8.74 -13.40
C THR A 213 -17.11 -9.52 -14.43
N PHE A 214 -16.64 -10.72 -14.09
CA PHE A 214 -15.88 -11.48 -15.07
C PHE A 214 -16.72 -11.88 -16.28
N GLU A 215 -18.02 -12.12 -16.07
CA GLU A 215 -18.91 -12.49 -17.18
C GLU A 215 -19.00 -11.41 -18.23
N GLU A 216 -18.74 -10.16 -17.86
CA GLU A 216 -18.71 -9.06 -18.81
C GLU A 216 -17.32 -8.79 -19.35
N ILE A 217 -16.27 -9.18 -18.62
CA ILE A 217 -14.94 -9.08 -19.20
C ILE A 217 -14.64 -10.17 -20.23
N LYS A 218 -15.43 -11.25 -20.27
CA LYS A 218 -15.11 -12.38 -21.13
C LYS A 218 -14.96 -12.12 -22.64
N PRO A 219 -15.80 -11.32 -23.31
CA PRO A 219 -15.66 -11.20 -24.79
C PRO A 219 -14.38 -10.52 -25.27
N LEU A 220 -13.94 -9.45 -24.61
CA LEU A 220 -12.69 -8.82 -25.02
C LEU A 220 -11.51 -9.78 -24.85
N TYR A 221 -11.54 -10.60 -23.79
CA TYR A 221 -10.49 -11.58 -23.62
C TYR A 221 -10.55 -12.66 -24.69
N GLU A 222 -11.76 -13.04 -25.12
CA GLU A 222 -11.87 -13.99 -26.22
C GLU A 222 -11.20 -13.48 -27.48
N HIS A 223 -11.47 -12.22 -27.83
CA HIS A 223 -10.90 -11.67 -29.06
C HIS A 223 -9.39 -11.52 -28.95
N LEU A 224 -8.88 -11.05 -27.81
CA LEU A 224 -7.42 -10.93 -27.65
C LEU A 224 -6.74 -12.29 -27.67
N HIS A 225 -7.34 -13.29 -27.02
CA HIS A 225 -6.82 -14.65 -27.06
C HIS A 225 -6.72 -15.19 -28.48
N ALA A 226 -7.75 -14.95 -29.31
CA ALA A 226 -7.71 -15.45 -30.68
C ALA A 226 -6.65 -14.74 -31.52
N TYR A 227 -6.50 -13.42 -31.36
CA TYR A 227 -5.45 -12.69 -32.07
C TYR A 227 -4.06 -13.22 -31.72
N VAL A 228 -3.77 -13.31 -30.41
CA VAL A 228 -2.49 -13.82 -29.96
C VAL A 228 -2.25 -15.23 -30.48
N ARG A 229 -3.31 -16.04 -30.52
CA ARG A 229 -3.17 -17.41 -31.00
C ARG A 229 -2.76 -17.45 -32.46
N ALA A 230 -3.36 -16.61 -33.30
CA ALA A 230 -2.96 -16.58 -34.71
C ALA A 230 -1.50 -16.18 -34.88
N LYS A 231 -1.06 -15.15 -34.15
CA LYS A 231 0.32 -14.71 -34.27
C LYS A 231 1.31 -15.78 -33.79
N LEU A 232 1.05 -16.38 -32.62
CA LEU A 232 1.91 -17.45 -32.14
C LEU A 232 1.90 -18.64 -33.09
N MET A 233 0.77 -18.89 -33.78
CA MET A 233 0.73 -19.95 -34.77
C MET A 233 1.65 -19.65 -35.92
N ASN A 234 1.79 -18.37 -36.26
CA ASN A 234 2.82 -18.00 -37.24
C ASN A 234 4.22 -18.28 -36.70
N ALA A 235 4.46 -17.98 -35.42
CA ALA A 235 5.83 -18.07 -34.90
C ALA A 235 6.28 -19.48 -34.53
N TYR A 236 5.37 -20.35 -34.08
CA TYR A 236 5.68 -21.75 -33.75
C TYR A 236 4.80 -22.64 -34.62
N PRO A 237 5.21 -22.88 -35.87
CA PRO A 237 4.24 -23.37 -36.87
C PRO A 237 3.62 -24.73 -36.57
N SER A 238 4.44 -25.74 -36.30
CA SER A 238 3.96 -27.11 -36.19
C SER A 238 3.54 -27.49 -34.78
N TYR A 239 3.13 -26.53 -33.95
CA TYR A 239 2.88 -26.78 -32.55
C TYR A 239 1.56 -26.25 -32.02
N ILE A 240 0.84 -25.45 -32.79
CA ILE A 240 -0.38 -24.79 -32.32
C ILE A 240 -1.54 -25.18 -33.22
N SER A 241 -2.71 -25.39 -32.63
CA SER A 241 -3.92 -25.72 -33.34
C SER A 241 -4.87 -24.54 -33.38
N PRO A 242 -5.52 -24.29 -34.51
CA PRO A 242 -6.33 -23.07 -34.67
C PRO A 242 -7.64 -23.07 -33.89
N ILE A 243 -7.94 -24.10 -33.10
CA ILE A 243 -9.19 -24.18 -32.36
C ILE A 243 -8.98 -24.51 -30.89
N GLY A 244 -7.76 -24.81 -30.47
CA GLY A 244 -7.49 -25.24 -29.11
C GLY A 244 -6.94 -24.13 -28.23
N CYS A 245 -6.44 -24.55 -27.06
CA CYS A 245 -5.89 -23.65 -26.08
C CYS A 245 -4.44 -23.32 -26.41
N LEU A 246 -3.85 -22.41 -25.64
CA LEU A 246 -2.47 -21.99 -25.84
C LEU A 246 -1.55 -22.76 -24.92
N PRO A 247 -0.51 -23.44 -25.43
CA PRO A 247 0.40 -24.17 -24.54
C PRO A 247 1.04 -23.24 -23.50
N ALA A 248 1.27 -23.78 -22.32
CA ALA A 248 1.53 -22.97 -21.14
C ALA A 248 2.92 -22.36 -21.10
N HIS A 249 3.90 -22.92 -21.81
CA HIS A 249 5.28 -22.49 -21.71
C HIS A 249 5.69 -21.47 -22.76
N LEU A 250 4.73 -20.90 -23.50
CA LEU A 250 5.03 -20.06 -24.65
C LEU A 250 4.56 -18.62 -24.48
N LEU A 251 4.26 -18.18 -23.24
CA LEU A 251 3.64 -16.88 -23.02
C LEU A 251 4.60 -15.85 -22.45
N GLY A 252 5.90 -16.03 -22.64
CA GLY A 252 6.89 -15.04 -22.25
C GLY A 252 7.03 -14.81 -20.76
N ASP A 253 6.84 -15.84 -19.96
CA ASP A 253 6.68 -15.72 -18.51
C ASP A 253 6.77 -17.13 -17.96
N MET A 254 7.20 -17.25 -16.71
CA MET A 254 7.34 -18.58 -16.11
C MET A 254 5.98 -19.19 -15.80
N TRP A 255 5.02 -18.36 -15.40
CA TRP A 255 3.68 -18.82 -15.08
C TRP A 255 2.61 -18.37 -16.06
N GLY A 256 2.83 -17.26 -16.76
CA GLY A 256 1.81 -16.68 -17.60
C GLY A 256 1.04 -15.56 -16.96
N ARG A 257 1.59 -14.95 -15.90
CA ARG A 257 0.86 -13.94 -15.15
C ARG A 257 0.56 -12.72 -16.01
N PHE A 258 1.55 -12.26 -16.77
CA PHE A 258 1.38 -11.18 -17.73
C PHE A 258 1.78 -11.68 -19.11
N TRP A 259 1.18 -11.09 -20.14
CA TRP A 259 1.48 -11.43 -21.52
C TRP A 259 2.35 -10.38 -22.19
N THR A 260 3.23 -9.70 -21.43
CA THR A 260 3.92 -8.53 -21.95
C THR A 260 4.99 -8.92 -22.99
N ASN A 261 5.83 -9.89 -22.65
CA ASN A 261 6.95 -10.28 -23.48
C ASN A 261 6.53 -10.88 -24.81
N LEU A 262 5.24 -10.93 -25.11
CA LEU A 262 4.74 -11.37 -26.40
C LEU A 262 4.66 -10.24 -27.42
N TYR A 263 4.88 -8.99 -26.99
CA TYR A 263 4.70 -7.85 -27.89
C TYR A 263 5.50 -8.01 -29.18
N SER A 264 6.77 -8.39 -29.07
CA SER A 264 7.63 -8.48 -30.26
C SER A 264 7.07 -9.43 -31.29
N LEU A 265 6.29 -10.43 -30.88
CA LEU A 265 5.71 -11.37 -31.84
C LEU A 265 4.36 -10.95 -32.35
N THR A 266 3.65 -10.06 -31.65
CA THR A 266 2.26 -9.74 -31.94
C THR A 266 2.05 -8.24 -31.95
N VAL A 267 2.86 -7.50 -32.69
CA VAL A 267 2.70 -6.06 -32.83
C VAL A 267 1.88 -5.78 -34.08
N PRO A 268 0.85 -4.90 -34.03
CA PRO A 268 0.00 -4.70 -35.20
C PRO A 268 0.70 -4.13 -36.41
N PHE A 269 1.33 -2.97 -36.26
CA PHE A 269 2.02 -2.27 -37.34
C PHE A 269 3.48 -2.13 -36.93
N GLY A 270 4.29 -3.13 -37.30
CA GLY A 270 5.66 -3.23 -36.83
C GLY A 270 6.61 -2.19 -37.38
N GLN A 271 6.21 -1.46 -38.42
CA GLN A 271 7.05 -0.43 -39.00
C GLN A 271 6.80 0.94 -38.39
N LYS A 272 6.22 0.99 -37.20
CA LYS A 272 6.00 2.24 -36.46
C LYS A 272 6.50 2.04 -35.04
N PRO A 273 7.61 2.67 -34.65
CA PRO A 273 8.12 2.48 -33.29
C PRO A 273 7.32 3.25 -32.26
N ASN A 274 7.22 2.66 -31.07
CA ASN A 274 6.50 3.28 -29.97
C ASN A 274 7.25 4.52 -29.47
N ILE A 275 6.61 5.25 -28.58
CA ILE A 275 7.18 6.48 -28.04
C ILE A 275 8.21 6.12 -26.97
N ASP A 276 9.38 6.76 -27.05
CA ASP A 276 10.45 6.53 -26.09
C ASP A 276 11.30 7.80 -26.05
N VAL A 277 11.16 8.55 -24.97
CA VAL A 277 11.83 9.85 -24.85
C VAL A 277 13.14 9.75 -24.09
N THR A 278 13.72 8.54 -24.00
CA THR A 278 14.99 8.36 -23.31
C THR A 278 16.09 9.20 -23.94
N ASP A 279 16.15 9.24 -25.27
CA ASP A 279 17.17 10.01 -25.95
C ASP A 279 16.92 11.50 -25.84
N ALA A 280 15.65 11.91 -25.89
CA ALA A 280 15.31 13.32 -25.79
C ALA A 280 15.56 13.90 -24.40
N MET A 281 15.80 13.06 -23.40
CA MET A 281 16.16 13.52 -22.06
C MET A 281 17.63 13.31 -21.73
N VAL A 282 18.24 12.22 -22.21
CA VAL A 282 19.67 12.07 -22.03
C VAL A 282 20.43 13.03 -22.94
N ASP A 283 19.77 13.62 -23.92
CA ASP A 283 20.40 14.59 -24.81
C ASP A 283 20.22 16.03 -24.36
N GLN A 284 19.32 16.30 -23.41
CA GLN A 284 19.17 17.61 -22.82
C GLN A 284 19.81 17.72 -21.44
N ALA A 285 20.55 16.69 -21.03
CA ALA A 285 21.21 16.64 -19.73
C ALA A 285 20.20 16.73 -18.58
N TRP A 286 19.30 15.76 -18.55
CA TRP A 286 18.47 15.52 -17.38
C TRP A 286 19.25 14.64 -16.40
N ASP A 287 18.85 14.69 -15.13
CA ASP A 287 19.53 13.93 -14.09
C ASP A 287 18.47 13.32 -13.19
N ALA A 288 18.89 12.83 -12.02
CA ALA A 288 17.99 12.14 -11.10
C ALA A 288 17.08 13.09 -10.33
N GLN A 289 17.44 14.35 -10.20
CA GLN A 289 16.65 15.31 -9.45
C GLN A 289 15.63 16.04 -10.32
N ARG A 290 15.94 16.19 -11.61
CA ARG A 290 14.99 16.82 -12.53
C ARG A 290 13.71 16.00 -12.65
N ILE A 291 13.84 14.68 -12.60
CA ILE A 291 12.66 13.82 -12.69
C ILE A 291 11.72 14.07 -11.53
N PHE A 292 12.25 14.13 -10.30
CA PHE A 292 11.40 14.32 -9.14
C PHE A 292 10.90 15.75 -9.02
N LYS A 293 11.66 16.72 -9.53
CA LYS A 293 11.13 18.08 -9.61
C LYS A 293 9.94 18.14 -10.57
N GLU A 294 10.02 17.40 -11.69
CA GLU A 294 8.89 17.37 -12.61
C GLU A 294 7.67 16.69 -12.00
N ALA A 295 7.89 15.59 -11.27
CA ALA A 295 6.77 14.94 -10.60
C ALA A 295 6.11 15.85 -9.56
N GLU A 296 6.93 16.60 -8.82
CA GLU A 296 6.38 17.54 -7.85
C GLU A 296 5.58 18.64 -8.55
N LYS A 297 6.06 19.14 -9.68
CA LYS A 297 5.29 20.10 -10.46
C LYS A 297 3.95 19.52 -10.88
N PHE A 298 3.95 18.27 -11.36
CA PHE A 298 2.71 17.64 -11.79
C PHE A 298 1.70 17.59 -10.65
N PHE A 299 2.13 17.14 -9.46
CA PHE A 299 1.19 17.01 -8.36
C PHE A 299 0.75 18.36 -7.81
N VAL A 300 1.58 19.40 -7.96
CA VAL A 300 1.16 20.73 -7.52
C VAL A 300 0.15 21.33 -8.50
N SER A 301 0.21 20.93 -9.78
CA SER A 301 -0.68 21.51 -10.77
C SER A 301 -2.16 21.27 -10.47
N VAL A 302 -2.49 20.13 -9.85
CA VAL A 302 -3.89 19.79 -9.58
C VAL A 302 -4.30 20.20 -8.16
N GLY A 303 -3.44 20.95 -7.48
CA GLY A 303 -3.81 21.54 -6.22
C GLY A 303 -3.34 20.82 -4.97
N LEU A 304 -2.54 19.77 -5.09
CA LEU A 304 -1.99 19.08 -3.94
C LEU A 304 -0.71 19.76 -3.47
N PRO A 305 -0.28 19.52 -2.24
CA PRO A 305 0.83 20.31 -1.69
C PRO A 305 2.18 19.89 -2.24
N ASN A 306 3.20 20.65 -1.85
CA ASN A 306 4.57 20.39 -2.26
C ASN A 306 5.11 19.19 -1.49
N MET A 307 6.40 18.92 -1.63
CA MET A 307 7.10 17.99 -0.76
C MET A 307 7.73 18.75 0.41
N THR A 308 8.16 18.00 1.42
CA THR A 308 8.75 18.58 2.61
C THR A 308 10.27 18.73 2.43
N GLN A 309 10.89 19.47 3.35
CA GLN A 309 12.33 19.65 3.27
C GLN A 309 13.09 18.39 3.65
N GLY A 310 12.53 17.61 4.57
CA GLY A 310 13.14 16.33 4.91
C GLY A 310 13.13 15.36 3.74
N PHE A 311 12.14 15.48 2.86
CA PHE A 311 12.12 14.63 1.67
C PHE A 311 13.34 14.89 0.80
N TRP A 312 13.73 16.14 0.65
CA TRP A 312 14.90 16.47 -0.17
C TRP A 312 16.20 16.22 0.56
N GLU A 313 16.21 16.33 1.90
CA GLU A 313 17.44 16.10 2.64
C GLU A 313 17.68 14.63 2.94
N ASN A 314 16.66 13.84 3.27
CA ASN A 314 16.90 12.46 3.74
C ASN A 314 16.34 11.36 2.85
N SER A 315 16.17 11.60 1.55
CA SER A 315 15.73 10.56 0.58
C SER A 315 16.94 10.06 -0.20
N MET A 316 17.04 8.76 -0.49
CA MET A 316 18.15 8.29 -1.36
C MET A 316 17.67 8.19 -2.80
N LEU A 317 17.98 9.17 -3.65
CA LEU A 317 17.46 9.22 -5.01
C LEU A 317 18.53 8.91 -6.06
N THR A 318 19.60 8.22 -5.68
CA THR A 318 20.66 7.83 -6.60
C THR A 318 21.48 6.73 -5.95
N ASP A 319 21.94 5.79 -6.75
CA ASP A 319 22.78 4.69 -6.24
C ASP A 319 24.14 5.22 -5.81
N PRO A 320 24.51 5.13 -4.53
CA PRO A 320 25.75 5.76 -4.07
C PRO A 320 27.00 4.93 -4.29
N GLY A 321 27.12 4.32 -5.46
CA GLY A 321 28.27 3.48 -5.77
C GLY A 321 28.29 2.19 -4.98
N GLN A 324 29.35 1.48 -0.95
CA GLN A 324 28.53 0.74 0.00
C GLN A 324 27.35 0.08 -0.69
N LYS A 325 26.93 -1.07 -0.17
CA LYS A 325 25.80 -1.76 -0.76
C LYS A 325 24.51 -1.01 -0.47
N ALA A 326 23.42 -1.50 -1.04
CA ALA A 326 22.09 -0.91 -0.90
C ALA A 326 21.11 -1.84 -1.57
N VAL A 327 19.82 -1.60 -1.32
CA VAL A 327 18.73 -2.36 -1.92
C VAL A 327 17.92 -1.37 -2.74
N CYS A 328 18.14 -1.35 -4.06
CA CYS A 328 17.66 -0.29 -4.92
C CYS A 328 16.22 -0.47 -5.37
N HIS A 329 15.45 -1.31 -4.69
CA HIS A 329 14.03 -1.43 -5.00
C HIS A 329 13.32 -0.12 -4.69
N PRO A 330 12.48 0.39 -5.58
CA PRO A 330 11.81 1.67 -5.32
C PRO A 330 10.79 1.52 -4.20
N THR A 331 10.86 2.42 -3.22
CA THR A 331 9.99 2.33 -2.06
C THR A 331 9.65 3.74 -1.57
N ALA A 332 8.44 3.90 -1.06
CA ALA A 332 8.01 5.12 -0.39
C ALA A 332 7.85 4.84 1.10
N TRP A 333 8.51 5.65 1.93
CA TRP A 333 8.60 5.43 3.37
C TRP A 333 7.81 6.48 4.13
N ASP A 334 6.97 6.01 5.04
CA ASP A 334 6.22 6.86 5.97
C ASP A 334 6.63 6.44 7.38
N LEU A 335 7.60 7.15 7.96
CA LEU A 335 8.14 6.78 9.26
C LEU A 335 7.29 7.26 10.43
N GLY A 336 6.36 8.18 10.18
CA GLY A 336 5.63 8.82 11.26
C GLY A 336 6.33 10.07 11.75
N LYS A 337 5.56 10.92 12.40
CA LYS A 337 6.08 12.16 12.99
C LYS A 337 6.65 13.09 11.93
N GLY A 338 5.94 13.19 10.80
CA GLY A 338 6.28 14.14 9.76
C GLY A 338 7.43 13.72 8.87
N ASP A 339 7.69 12.43 8.74
CA ASP A 339 8.91 11.94 8.10
C ASP A 339 8.54 11.07 6.91
N PHE A 340 8.65 11.63 5.70
CA PHE A 340 8.38 10.94 4.45
C PHE A 340 9.65 10.86 3.62
N ARG A 341 9.87 9.72 2.97
CA ARG A 341 11.11 9.47 2.24
C ARG A 341 10.83 8.60 1.02
N ILE A 342 11.81 8.52 0.13
CA ILE A 342 11.78 7.59 -1.00
C ILE A 342 13.16 6.95 -1.14
N LEU A 343 13.19 5.65 -1.38
CA LEU A 343 14.42 4.90 -1.63
C LEU A 343 14.37 4.36 -3.05
N MET A 344 15.19 4.92 -3.93
CA MET A 344 15.10 4.60 -5.36
C MET A 344 16.38 5.05 -6.05
N CYS A 345 17.08 4.12 -6.67
CA CYS A 345 18.30 4.43 -7.43
C CYS A 345 17.90 4.64 -8.88
N THR A 346 17.55 5.87 -9.22
CA THR A 346 16.96 6.20 -10.50
C THR A 346 18.03 6.55 -11.54
N LYS A 347 17.66 6.35 -12.80
CA LYS A 347 18.51 6.56 -13.96
C LYS A 347 17.89 7.62 -14.85
N VAL A 348 18.46 7.79 -16.04
CA VAL A 348 17.89 8.65 -17.07
C VAL A 348 17.23 7.72 -18.08
N THR A 349 15.92 7.54 -17.95
CA THR A 349 15.17 6.58 -18.74
C THR A 349 13.72 7.07 -18.75
N MET A 350 12.88 6.44 -19.56
CA MET A 350 11.46 6.77 -19.60
C MET A 350 10.63 5.94 -18.64
N ASP A 351 11.19 4.91 -18.01
CA ASP A 351 10.44 4.14 -17.03
C ASP A 351 10.64 4.62 -15.62
N ASP A 352 11.82 5.16 -15.31
CA ASP A 352 12.03 5.80 -14.01
C ASP A 352 11.25 7.11 -13.92
N PHE A 353 11.08 7.79 -15.06
CA PHE A 353 10.23 8.96 -15.14
C PHE A 353 8.81 8.65 -14.68
N LEU A 354 8.32 7.45 -14.95
CA LEU A 354 6.98 7.04 -14.56
C LEU A 354 6.93 6.45 -13.15
N THR A 355 7.97 5.70 -12.77
CA THR A 355 8.04 5.20 -11.40
C THR A 355 8.06 6.33 -10.38
N ALA A 356 8.68 7.46 -10.74
CA ALA A 356 8.67 8.61 -9.83
C ALA A 356 7.25 9.09 -9.55
N HIS A 357 6.42 9.17 -10.59
CA HIS A 357 5.04 9.58 -10.43
C HIS A 357 4.26 8.58 -9.59
N HIS A 358 4.48 7.29 -9.82
CA HIS A 358 3.84 6.27 -8.98
C HIS A 358 4.18 6.46 -7.51
N GLU A 359 5.47 6.56 -7.18
CA GLU A 359 5.88 6.62 -5.79
C GLU A 359 5.45 7.92 -5.12
N MET A 360 5.45 9.03 -5.88
CA MET A 360 5.00 10.27 -5.27
C MET A 360 3.50 10.30 -5.10
N GLY A 361 2.74 9.53 -5.89
CA GLY A 361 1.33 9.34 -5.60
C GLY A 361 1.12 8.60 -4.30
N HIS A 362 1.93 7.58 -4.05
CA HIS A 362 1.93 6.91 -2.74
C HIS A 362 2.19 7.92 -1.61
N ILE A 363 3.18 8.79 -1.78
CA ILE A 363 3.54 9.72 -0.71
C ILE A 363 2.44 10.76 -0.49
N GLN A 364 1.79 11.23 -1.55
CA GLN A 364 0.69 12.18 -1.38
C GLN A 364 -0.47 11.54 -0.63
N TYR A 365 -0.79 10.28 -0.95
CA TYR A 365 -1.84 9.59 -0.21
C TYR A 365 -1.46 9.44 1.26
N ASP A 366 -0.19 9.12 1.55
CA ASP A 366 0.26 9.03 2.94
C ASP A 366 0.10 10.37 3.66
N MET A 367 0.58 11.45 3.05
CA MET A 367 0.50 12.76 3.69
C MET A 367 -0.94 13.18 3.94
N ALA A 368 -1.88 12.69 3.15
CA ALA A 368 -3.28 13.13 3.29
C ALA A 368 -3.87 12.73 4.63
N TYR A 369 -3.78 11.44 5.00
CA TYR A 369 -4.42 10.95 6.21
C TYR A 369 -3.50 10.93 7.42
N ALA A 370 -2.55 11.86 7.50
CA ALA A 370 -1.64 11.94 8.63
C ALA A 370 -2.26 12.56 9.86
N ALA A 371 -3.55 12.91 9.82
CA ALA A 371 -4.24 13.46 10.97
C ALA A 371 -5.18 12.48 11.64
N GLN A 372 -5.37 11.29 11.09
CA GLN A 372 -6.21 10.29 11.71
C GLN A 372 -5.46 9.58 12.82
N PRO A 373 -6.16 9.09 13.84
CA PRO A 373 -5.49 8.36 14.92
C PRO A 373 -4.71 7.16 14.40
N PHE A 374 -3.76 6.70 15.23
CA PHE A 374 -2.68 5.84 14.75
C PHE A 374 -3.20 4.64 13.97
N LEU A 375 -4.34 4.08 14.37
CA LEU A 375 -4.82 2.84 13.79
C LEU A 375 -5.74 3.05 12.59
N LEU A 376 -6.07 4.30 12.25
CA LEU A 376 -6.94 4.60 11.11
C LEU A 376 -6.14 5.21 9.96
N ARG A 377 -4.88 4.82 9.81
CA ARG A 377 -4.00 5.39 8.79
C ARG A 377 -3.64 4.30 7.79
N ASN A 378 -4.51 4.11 6.80
CA ASN A 378 -4.28 3.22 5.66
C ASN A 378 -5.22 3.66 4.54
N GLY A 379 -5.32 2.83 3.50
CA GLY A 379 -6.34 3.02 2.51
C GLY A 379 -7.69 2.53 3.01
N ALA A 380 -8.72 2.78 2.22
CA ALA A 380 -10.06 2.33 2.62
C ALA A 380 -10.14 0.82 2.66
N ASN A 381 -9.49 0.15 1.71
CA ASN A 381 -9.25 -1.29 1.82
C ASN A 381 -7.91 -1.59 1.17
N GLU A 382 -7.65 -2.86 0.89
CA GLU A 382 -6.33 -3.31 0.44
C GLU A 382 -6.06 -3.05 -1.03
N GLY A 383 -6.94 -2.35 -1.74
CA GLY A 383 -6.71 -2.07 -3.14
C GLY A 383 -6.86 -0.61 -3.53
N PHE A 384 -6.47 0.32 -2.66
CA PHE A 384 -6.60 1.75 -2.92
C PHE A 384 -5.28 2.44 -3.19
N HIS A 385 -4.23 2.12 -2.42
CA HIS A 385 -2.92 2.74 -2.63
C HIS A 385 -2.41 2.50 -4.04
N GLU A 386 -2.55 1.27 -4.54
CA GLU A 386 -1.97 0.94 -5.84
C GLU A 386 -2.77 1.58 -6.98
N ALA A 387 -4.10 1.65 -6.84
CA ALA A 387 -4.89 2.32 -7.87
C ALA A 387 -4.57 3.81 -7.92
N VAL A 388 -4.44 4.44 -6.75
CA VAL A 388 -4.11 5.87 -6.71
C VAL A 388 -2.72 6.11 -7.29
N GLY A 389 -1.79 5.18 -7.08
CA GLY A 389 -0.49 5.31 -7.71
C GLY A 389 -0.54 5.14 -9.21
N GLU A 390 -1.33 4.17 -9.69
CA GLU A 390 -1.34 3.83 -11.11
C GLU A 390 -2.01 4.89 -11.98
N ILE A 391 -3.02 5.58 -11.47
CA ILE A 391 -3.67 6.57 -12.33
C ILE A 391 -2.73 7.73 -12.66
N MET A 392 -1.73 7.99 -11.83
CA MET A 392 -0.78 9.07 -12.10
C MET A 392 0.14 8.72 -13.26
N SER A 393 0.61 7.46 -13.30
CA SER A 393 1.38 7.01 -14.45
C SER A 393 0.52 6.93 -15.70
N LEU A 394 -0.76 6.61 -15.58
CA LEU A 394 -1.66 6.69 -16.72
C LEU A 394 -1.67 8.11 -17.29
N SER A 395 -1.90 9.09 -16.45
CA SER A 395 -2.08 10.46 -16.92
C SER A 395 -0.77 11.16 -17.26
N ALA A 396 0.39 10.62 -16.87
CA ALA A 396 1.66 11.29 -17.14
C ALA A 396 2.37 10.80 -18.40
N ALA A 397 1.90 9.70 -19.00
CA ALA A 397 2.52 9.13 -20.19
C ALA A 397 1.82 9.56 -21.47
N THR A 398 0.98 10.58 -21.41
CA THR A 398 0.17 10.97 -22.55
C THR A 398 0.99 11.86 -23.49
N PRO A 399 0.96 11.60 -24.81
CA PRO A 399 1.72 12.46 -25.74
C PRO A 399 1.46 13.94 -25.57
N LYS A 400 0.27 14.33 -25.13
CA LYS A 400 0.01 15.73 -24.83
C LYS A 400 0.84 16.20 -23.63
N HIS A 401 0.96 15.36 -22.60
CA HIS A 401 1.81 15.70 -21.47
C HIS A 401 3.28 15.73 -21.87
N LEU A 402 3.76 14.70 -22.56
CA LEU A 402 5.15 14.64 -22.98
C LEU A 402 5.50 15.72 -23.99
N LYS A 403 4.52 16.30 -24.67
CA LYS A 403 4.75 17.45 -25.51
C LYS A 403 4.65 18.77 -24.75
N SER A 404 3.92 18.79 -23.63
CA SER A 404 3.78 20.02 -22.86
C SER A 404 4.95 20.31 -21.94
N ILE A 405 5.76 19.29 -21.62
CA ILE A 405 6.96 19.49 -20.80
C ILE A 405 8.21 19.61 -21.67
N GLY A 406 8.05 19.75 -22.98
CA GLY A 406 9.17 19.95 -23.88
C GLY A 406 9.96 18.70 -24.21
N LEU A 407 9.46 17.52 -23.86
CA LEU A 407 10.17 16.27 -24.08
C LEU A 407 9.75 15.58 -25.37
N LEU A 408 8.98 16.26 -26.21
CA LEU A 408 8.56 15.74 -27.52
C LEU A 408 8.36 16.93 -28.44
N SER A 409 8.69 16.74 -29.71
CA SER A 409 8.71 17.84 -30.64
C SER A 409 7.28 18.28 -31.01
N PRO A 410 7.04 19.58 -31.15
CA PRO A 410 5.71 20.03 -31.59
C PRO A 410 5.37 19.64 -33.03
N ASP A 411 6.32 19.07 -33.77
CA ASP A 411 6.03 18.51 -35.08
C ASP A 411 5.58 17.06 -35.00
N PHE A 412 5.23 16.58 -33.80
CA PHE A 412 4.68 15.24 -33.64
C PHE A 412 3.19 15.27 -33.91
N GLN A 413 2.71 14.26 -34.64
CA GLN A 413 1.30 14.12 -34.96
C GLN A 413 0.87 12.70 -34.65
N GLU A 414 -0.13 12.55 -33.79
CA GLU A 414 -0.60 11.23 -33.41
C GLU A 414 -1.23 10.53 -34.60
N ASP A 415 -0.95 9.24 -34.73
CA ASP A 415 -1.38 8.46 -35.87
C ASP A 415 -2.38 7.40 -35.41
N ASN A 416 -3.44 7.20 -36.20
CA ASN A 416 -4.44 6.21 -35.82
C ASN A 416 -3.89 4.80 -35.83
N GLU A 417 -2.75 4.57 -36.46
CA GLU A 417 -2.11 3.26 -36.42
C GLU A 417 -1.14 3.14 -35.25
N THR A 418 -0.76 4.25 -34.64
CA THR A 418 0.12 4.26 -33.49
C THR A 418 -0.64 4.23 -32.17
N GLU A 419 -1.92 4.60 -32.18
CA GLU A 419 -2.78 4.43 -31.02
C GLU A 419 -3.30 3.01 -30.86
N ILE A 420 -3.02 2.14 -31.81
CA ILE A 420 -3.40 0.73 -31.68
C ILE A 420 -2.26 -0.10 -31.10
N ASN A 421 -1.02 0.25 -31.45
CA ASN A 421 0.13 -0.40 -30.82
C ASN A 421 0.12 -0.16 -29.31
N PHE A 422 -0.15 1.08 -28.90
CA PHE A 422 -0.20 1.43 -27.49
C PHE A 422 -1.31 0.67 -26.76
N LEU A 423 -2.51 0.67 -27.34
CA LEU A 423 -3.64 -0.02 -26.70
C LEU A 423 -3.40 -1.52 -26.63
N LEU A 424 -2.76 -2.10 -27.65
CA LEU A 424 -2.51 -3.53 -27.61
C LEU A 424 -1.46 -3.89 -26.57
N LYS A 425 -0.41 -3.08 -26.42
CA LYS A 425 0.56 -3.31 -25.35
C LYS A 425 -0.11 -3.22 -23.98
N GLN A 426 -0.93 -2.19 -23.78
CA GLN A 426 -1.69 -2.06 -22.54
C GLN A 426 -2.56 -3.28 -22.30
N ALA A 427 -3.21 -3.79 -23.35
CA ALA A 427 -4.05 -4.96 -23.20
C ALA A 427 -3.25 -6.17 -22.75
N LEU A 428 -2.16 -6.47 -23.47
CA LEU A 428 -1.29 -7.58 -23.09
C LEU A 428 -0.91 -7.50 -21.62
N THR A 429 -0.59 -6.31 -21.12
CA THR A 429 -0.17 -6.19 -19.73
C THR A 429 -1.34 -6.29 -18.74
N ILE A 430 -2.47 -5.66 -19.04
CA ILE A 430 -3.53 -5.40 -18.06
C ILE A 430 -4.67 -6.41 -18.15
N VAL A 431 -5.16 -6.70 -19.35
CA VAL A 431 -6.31 -7.59 -19.50
C VAL A 431 -5.88 -9.05 -19.46
N GLY A 432 -4.69 -9.35 -19.98
CA GLY A 432 -4.22 -10.72 -20.07
C GLY A 432 -3.93 -11.38 -18.73
N THR A 433 -4.05 -10.62 -17.65
CA THR A 433 -3.72 -11.10 -16.32
C THR A 433 -4.94 -11.36 -15.44
N LEU A 434 -6.14 -10.97 -15.87
CA LEU A 434 -7.32 -11.03 -15.02
C LEU A 434 -7.89 -12.45 -14.89
N PRO A 435 -7.97 -13.25 -15.96
CA PRO A 435 -8.37 -14.65 -15.76
C PRO A 435 -7.43 -15.42 -14.87
N PHE A 436 -6.12 -15.16 -14.98
CA PHE A 436 -5.13 -15.80 -14.12
C PHE A 436 -5.44 -15.53 -12.64
N THR A 437 -5.63 -14.25 -12.30
CA THR A 437 -5.88 -13.86 -10.92
C THR A 437 -7.18 -14.46 -10.41
N TYR A 438 -8.25 -14.30 -11.18
CA TYR A 438 -9.56 -14.81 -10.78
C TYR A 438 -9.50 -16.33 -10.54
N MET A 439 -8.87 -17.06 -11.45
CA MET A 439 -8.82 -18.52 -11.33
C MET A 439 -7.97 -18.96 -10.14
N LEU A 440 -6.83 -18.29 -9.90
CA LEU A 440 -5.97 -18.71 -8.79
C LEU A 440 -6.65 -18.49 -7.45
N GLU A 441 -7.25 -17.32 -7.25
CA GLU A 441 -7.91 -17.09 -5.97
C GLU A 441 -9.17 -17.93 -5.81
N LYS A 442 -9.85 -18.27 -6.91
CA LYS A 442 -10.99 -19.19 -6.82
C LYS A 442 -10.54 -20.59 -6.40
N TRP A 443 -9.44 -21.09 -6.97
CA TRP A 443 -8.91 -22.39 -6.57
C TRP A 443 -8.52 -22.40 -5.09
N ARG A 444 -7.85 -21.34 -4.64
CA ARG A 444 -7.44 -21.28 -3.23
C ARG A 444 -8.65 -21.23 -2.31
N TRP A 445 -9.66 -20.42 -2.64
CA TRP A 445 -10.86 -20.36 -1.82
C TRP A 445 -11.54 -21.73 -1.75
N MET A 446 -11.66 -22.42 -2.88
CA MET A 446 -12.31 -23.72 -2.87
C MET A 446 -11.51 -24.77 -2.11
N VAL A 447 -10.18 -24.67 -2.11
CA VAL A 447 -9.36 -25.63 -1.37
C VAL A 447 -9.43 -25.37 0.13
N PHE A 448 -9.46 -24.09 0.53
CA PHE A 448 -9.66 -23.77 1.95
C PHE A 448 -11.03 -24.22 2.43
N LYS A 449 -12.05 -24.06 1.59
CA LYS A 449 -13.41 -24.40 2.00
C LYS A 449 -13.59 -25.90 2.17
N GLY A 450 -12.80 -26.70 1.48
CA GLY A 450 -12.93 -28.14 1.53
C GLY A 450 -13.67 -28.76 0.38
N GLU A 451 -13.86 -28.04 -0.72
CA GLU A 451 -14.60 -28.54 -1.87
C GLU A 451 -13.73 -29.29 -2.86
N ILE A 452 -12.41 -29.24 -2.72
CA ILE A 452 -11.49 -30.02 -3.54
C ILE A 452 -10.69 -30.92 -2.60
N PRO A 453 -10.91 -32.23 -2.61
CA PRO A 453 -10.13 -33.12 -1.74
C PRO A 453 -8.66 -33.11 -2.14
N LYS A 454 -7.84 -33.74 -1.31
CA LYS A 454 -6.41 -33.82 -1.59
C LYS A 454 -6.15 -34.43 -2.95
N ASP A 455 -6.63 -35.64 -3.15
CA ASP A 455 -6.32 -36.44 -4.32
C ASP A 455 -6.88 -35.86 -5.59
N GLN A 456 -7.45 -34.66 -5.58
CA GLN A 456 -7.91 -34.01 -6.79
C GLN A 456 -7.36 -32.62 -7.00
N TRP A 457 -6.44 -32.14 -6.14
CA TRP A 457 -5.92 -30.79 -6.30
C TRP A 457 -5.44 -30.53 -7.72
N MET A 458 -4.41 -31.26 -8.15
CA MET A 458 -3.88 -31.06 -9.50
C MET A 458 -4.87 -31.45 -10.59
N LYS A 459 -5.89 -32.25 -10.27
CA LYS A 459 -6.86 -32.55 -11.31
C LYS A 459 -7.71 -31.35 -11.61
N LYS A 460 -7.94 -30.49 -10.62
CA LYS A 460 -8.85 -29.37 -10.78
C LYS A 460 -8.13 -28.11 -11.25
N TRP A 461 -6.90 -27.89 -10.79
CA TRP A 461 -6.08 -26.80 -11.31
C TRP A 461 -6.08 -26.83 -12.84
N TRP A 462 -5.60 -27.91 -13.42
CA TRP A 462 -5.52 -28.03 -14.87
C TRP A 462 -6.87 -28.33 -15.51
N GLU A 463 -7.97 -28.24 -14.77
CA GLU A 463 -9.29 -28.18 -15.35
C GLU A 463 -9.85 -26.78 -15.40
N MET A 464 -9.40 -25.91 -14.51
CA MET A 464 -9.83 -24.53 -14.50
C MET A 464 -8.90 -23.63 -15.30
N LYS A 465 -7.77 -24.16 -15.75
CA LYS A 465 -6.92 -23.44 -16.68
C LYS A 465 -7.44 -23.55 -18.10
N ARG A 466 -7.94 -24.72 -18.48
CA ARG A 466 -8.50 -24.95 -19.81
C ARG A 466 -9.88 -24.32 -19.99
N GLU A 467 -10.50 -23.82 -18.93
CA GLU A 467 -11.85 -23.30 -19.02
C GLU A 467 -11.92 -21.80 -18.83
N ILE A 468 -11.29 -21.27 -17.78
CA ILE A 468 -11.37 -19.85 -17.47
C ILE A 468 -10.28 -19.05 -18.16
N VAL A 469 -9.09 -19.63 -18.27
CA VAL A 469 -7.93 -18.94 -18.82
C VAL A 469 -7.72 -19.28 -20.29
N GLY A 470 -7.97 -20.52 -20.67
CA GLY A 470 -7.75 -20.95 -22.03
C GLY A 470 -6.37 -21.48 -22.30
N VAL A 471 -5.69 -22.03 -21.29
CA VAL A 471 -4.29 -22.42 -21.36
C VAL A 471 -4.19 -23.90 -21.03
N VAL A 472 -3.37 -24.63 -21.78
CA VAL A 472 -3.23 -26.07 -21.63
C VAL A 472 -1.78 -26.37 -21.27
N GLU A 473 -1.56 -27.54 -20.65
CA GLU A 473 -0.23 -27.89 -20.19
C GLU A 473 0.47 -28.81 -21.19
N PRO A 474 1.77 -28.63 -21.43
CA PRO A 474 2.45 -29.45 -22.45
C PRO A 474 2.65 -30.90 -22.05
N VAL A 475 2.74 -31.20 -20.76
CA VAL A 475 2.94 -32.57 -20.29
C VAL A 475 2.02 -32.84 -19.12
N PRO A 476 1.54 -34.08 -19.00
CA PRO A 476 0.56 -34.38 -17.96
C PRO A 476 1.17 -34.40 -16.56
N HIS A 477 0.44 -33.87 -15.60
CA HIS A 477 0.90 -33.72 -14.23
C HIS A 477 0.02 -34.54 -13.30
N ASP A 478 0.61 -35.51 -12.61
CA ASP A 478 -0.12 -36.34 -11.66
C ASP A 478 -0.15 -35.63 -10.30
N GLU A 479 -0.53 -36.36 -9.24
CA GLU A 479 -0.85 -35.73 -7.96
C GLU A 479 0.32 -35.69 -7.00
N THR A 480 1.56 -35.81 -7.47
CA THR A 480 2.72 -35.51 -6.64
C THR A 480 3.23 -34.10 -6.88
N TYR A 481 2.50 -33.30 -7.65
CA TYR A 481 2.91 -31.96 -8.05
C TYR A 481 2.14 -30.92 -7.26
N CYS A 482 2.76 -29.76 -7.09
CA CYS A 482 2.13 -28.61 -6.46
C CYS A 482 2.43 -27.35 -7.27
N ASP A 483 2.11 -27.39 -8.57
CA ASP A 483 2.27 -26.27 -9.49
C ASP A 483 1.88 -24.91 -8.93
N PRO A 484 0.72 -24.72 -8.29
CA PRO A 484 0.40 -23.38 -7.77
C PRO A 484 1.42 -22.85 -6.78
N ALA A 485 1.97 -23.73 -5.93
CA ALA A 485 2.97 -23.34 -4.95
C ALA A 485 4.32 -23.00 -5.56
N SER A 486 4.51 -23.23 -6.86
CA SER A 486 5.71 -22.78 -7.53
C SER A 486 5.69 -21.29 -7.84
N LEU A 487 4.68 -20.57 -7.36
CA LEU A 487 4.58 -19.12 -7.51
C LEU A 487 4.96 -18.47 -6.19
N PHE A 488 5.46 -17.23 -6.27
CA PHE A 488 5.97 -16.57 -5.08
C PHE A 488 4.88 -16.36 -4.04
N HIS A 489 3.69 -15.94 -4.48
CA HIS A 489 2.66 -15.55 -3.53
C HIS A 489 2.03 -16.73 -2.83
N VAL A 490 2.03 -17.91 -3.47
CA VAL A 490 1.30 -19.04 -2.91
C VAL A 490 2.10 -19.71 -1.80
N SER A 491 3.41 -19.83 -1.97
CA SER A 491 4.28 -20.46 -0.98
C SER A 491 4.84 -19.47 0.03
N ASN A 492 4.61 -18.16 -0.16
CA ASN A 492 4.98 -17.15 0.81
C ASN A 492 3.77 -16.59 1.55
N ASP A 493 2.61 -17.22 1.41
CA ASP A 493 1.44 -16.93 2.24
C ASP A 493 0.93 -15.51 2.06
N TYR A 494 0.53 -15.20 0.82
CA TYR A 494 -0.06 -13.91 0.48
C TYR A 494 -1.35 -14.11 -0.29
N SER A 495 -2.29 -13.17 -0.12
CA SER A 495 -3.53 -13.16 -0.88
C SER A 495 -3.33 -12.51 -2.24
N PHE A 496 -4.31 -12.69 -3.14
CA PHE A 496 -4.12 -12.39 -4.54
C PHE A 496 -5.30 -11.68 -5.19
N ILE A 497 -6.37 -11.36 -4.45
CA ILE A 497 -7.54 -10.73 -5.07
C ILE A 497 -7.47 -9.21 -5.09
N ARG A 498 -6.46 -8.62 -4.44
CA ARG A 498 -6.33 -7.17 -4.46
C ARG A 498 -5.97 -6.65 -5.85
N TYR A 499 -5.42 -7.49 -6.71
CA TYR A 499 -5.02 -7.05 -8.05
C TYR A 499 -6.24 -6.88 -8.96
N TYR A 500 -7.21 -7.79 -8.85
CA TYR A 500 -8.45 -7.69 -9.61
C TYR A 500 -9.21 -6.40 -9.24
N THR A 501 -9.49 -6.24 -7.95
CA THR A 501 -10.25 -5.10 -7.50
C THR A 501 -9.51 -3.80 -7.72
N ARG A 502 -8.18 -3.81 -7.58
CA ARG A 502 -7.40 -2.61 -7.87
C ARG A 502 -7.48 -2.24 -9.35
N THR A 503 -7.41 -3.23 -10.24
CA THR A 503 -7.46 -2.96 -11.66
C THR A 503 -8.82 -2.42 -12.09
N LEU A 504 -9.88 -2.76 -11.36
CA LEU A 504 -11.16 -2.14 -11.67
C LEU A 504 -11.27 -0.72 -11.08
N TYR A 505 -10.80 -0.54 -9.84
CA TYR A 505 -10.90 0.76 -9.20
C TYR A 505 -10.12 1.82 -9.96
N GLN A 506 -8.98 1.47 -10.55
CA GLN A 506 -8.18 2.50 -11.17
C GLN A 506 -8.89 3.14 -12.35
N PHE A 507 -9.67 2.36 -13.10
CA PHE A 507 -10.39 2.91 -14.24
C PHE A 507 -11.66 3.61 -13.81
N GLN A 508 -12.30 3.16 -12.74
CA GLN A 508 -13.39 3.96 -12.17
C GLN A 508 -12.90 5.34 -11.75
N PHE A 509 -11.78 5.38 -11.02
CA PHE A 509 -11.18 6.65 -10.57
C PHE A 509 -10.84 7.53 -11.75
N GLN A 510 -10.16 6.99 -12.76
CA GLN A 510 -9.69 7.81 -13.88
C GLN A 510 -10.85 8.34 -14.71
N GLU A 511 -11.91 7.54 -14.91
CA GLU A 511 -13.06 8.08 -15.63
C GLU A 511 -13.73 9.20 -14.86
N ALA A 512 -13.91 9.03 -13.55
CA ALA A 512 -14.52 10.10 -12.76
C ALA A 512 -13.67 11.37 -12.80
N LEU A 513 -12.35 11.24 -12.68
CA LEU A 513 -11.50 12.42 -12.63
C LEU A 513 -11.40 13.11 -13.98
N CYS A 514 -11.33 12.34 -15.08
CA CYS A 514 -11.27 12.97 -16.39
C CYS A 514 -12.62 13.46 -16.85
N GLN A 515 -13.70 13.05 -16.20
CA GLN A 515 -15.00 13.67 -16.42
C GLN A 515 -15.14 14.97 -15.64
N ALA A 516 -14.50 15.07 -14.47
CA ALA A 516 -14.47 16.33 -13.74
C ALA A 516 -13.57 17.36 -14.41
N ALA A 517 -12.66 16.93 -15.28
CA ALA A 517 -11.71 17.80 -15.96
C ALA A 517 -12.19 18.21 -17.35
N LYS A 518 -13.43 17.89 -17.70
CA LYS A 518 -14.05 18.30 -18.97
C LYS A 518 -13.21 17.86 -20.16
N HIS A 519 -13.07 16.56 -20.31
CA HIS A 519 -12.28 15.97 -21.39
C HIS A 519 -13.23 15.44 -22.46
N GLU A 520 -13.04 15.90 -23.69
CA GLU A 520 -13.83 15.44 -24.83
C GLU A 520 -12.97 14.54 -25.70
N GLY A 521 -13.41 13.31 -25.90
CA GLY A 521 -12.68 12.37 -26.72
C GLY A 521 -12.52 11.02 -26.05
N PRO A 522 -11.67 10.17 -26.59
CA PRO A 522 -11.43 8.85 -25.99
C PRO A 522 -10.81 8.97 -24.62
N LEU A 523 -11.11 7.98 -23.77
CA LEU A 523 -10.62 8.01 -22.39
C LEU A 523 -9.13 7.74 -22.32
N HIS A 524 -8.55 7.09 -23.33
CA HIS A 524 -7.14 6.76 -23.30
C HIS A 524 -6.22 7.93 -23.61
N LYS A 525 -6.77 9.11 -23.87
CA LYS A 525 -5.98 10.30 -24.16
C LYS A 525 -6.08 11.36 -23.09
N CYS A 526 -6.76 11.09 -21.98
CA CYS A 526 -7.07 12.15 -21.04
C CYS A 526 -5.93 12.38 -20.06
N ASP A 527 -5.75 13.64 -19.67
CA ASP A 527 -4.65 14.12 -18.85
C ASP A 527 -5.23 15.12 -17.86
N ILE A 528 -5.07 14.85 -16.57
CA ILE A 528 -5.78 15.62 -15.55
C ILE A 528 -4.95 16.79 -15.05
N SER A 529 -3.83 17.07 -15.70
CA SER A 529 -2.98 18.17 -15.28
C SER A 529 -3.69 19.50 -15.47
N ASN A 530 -3.35 20.46 -14.61
CA ASN A 530 -3.91 21.80 -14.60
C ASN A 530 -5.39 21.82 -14.23
N SER A 531 -5.87 20.78 -13.55
CA SER A 531 -7.27 20.66 -13.17
C SER A 531 -7.38 20.61 -11.66
N THR A 532 -7.97 21.65 -11.06
CA THR A 532 -8.18 21.64 -9.61
C THR A 532 -9.46 20.92 -9.22
N GLU A 533 -10.51 21.01 -10.05
CA GLU A 533 -11.75 20.29 -9.76
C GLU A 533 -11.55 18.79 -9.75
N ALA A 534 -10.52 18.29 -10.43
CA ALA A 534 -10.13 16.89 -10.38
C ALA A 534 -9.20 16.57 -9.23
N GLY A 535 -8.77 17.58 -8.49
CA GLY A 535 -7.89 17.40 -7.36
C GLY A 535 -8.59 17.64 -6.04
N GLN A 536 -9.81 18.20 -6.09
CA GLN A 536 -10.64 18.27 -4.90
C GLN A 536 -11.44 16.99 -4.70
N LYS A 537 -11.74 16.28 -5.78
CA LYS A 537 -12.48 15.03 -5.67
C LYS A 537 -11.61 13.90 -5.16
N LEU A 538 -10.32 13.93 -5.48
CA LEU A 538 -9.41 12.89 -4.98
C LEU A 538 -9.11 13.11 -3.51
N PHE A 539 -8.84 14.36 -3.11
CA PHE A 539 -8.46 14.64 -1.73
C PHE A 539 -9.58 14.33 -0.75
N ASN A 540 -10.83 14.53 -1.15
CA ASN A 540 -11.96 14.21 -0.28
C ASN A 540 -12.04 12.73 0.05
N MET A 541 -11.38 11.88 -0.72
CA MET A 541 -11.27 10.47 -0.38
C MET A 541 -9.94 10.13 0.27
N LEU A 542 -8.87 10.83 -0.09
CA LEU A 542 -7.57 10.55 0.49
C LEU A 542 -7.52 10.94 1.96
N ARG A 543 -8.25 11.98 2.36
CA ARG A 543 -8.16 12.50 3.71
C ARG A 543 -8.81 11.62 4.75
N LEU A 544 -9.57 10.60 4.34
CA LEU A 544 -10.37 9.81 5.27
C LEU A 544 -9.61 8.65 5.90
N GLY A 545 -8.47 8.26 5.35
CA GLY A 545 -7.79 7.08 5.87
C GLY A 545 -8.70 5.89 5.76
N LYS A 546 -8.92 5.20 6.88
CA LYS A 546 -9.91 4.14 6.98
C LYS A 546 -10.83 4.40 8.16
N SER A 547 -11.34 5.62 8.25
CA SER A 547 -12.32 6.01 9.25
C SER A 547 -13.76 5.88 8.76
N GLU A 548 -13.96 5.51 7.49
CA GLU A 548 -15.27 5.35 6.88
C GLU A 548 -15.29 4.03 6.11
N PRO A 549 -16.49 3.50 5.85
CA PRO A 549 -16.58 2.29 5.02
C PRO A 549 -16.06 2.57 3.62
N TRP A 550 -15.38 1.59 3.03
CA TRP A 550 -14.79 1.80 1.72
C TRP A 550 -15.85 2.10 0.67
N THR A 551 -17.11 1.77 0.92
CA THR A 551 -18.16 2.09 -0.04
C THR A 551 -18.46 3.59 -0.04
N LEU A 552 -18.40 4.22 1.13
CA LEU A 552 -18.62 5.66 1.20
C LEU A 552 -17.46 6.44 0.58
N ALA A 553 -16.23 6.00 0.84
CA ALA A 553 -15.07 6.63 0.22
C ALA A 553 -15.04 6.40 -1.28
N LEU A 554 -15.56 5.26 -1.75
CA LEU A 554 -15.66 5.05 -3.20
C LEU A 554 -16.75 5.93 -3.79
N GLU A 555 -17.86 6.13 -3.08
CA GLU A 555 -18.93 6.97 -3.60
C GLU A 555 -18.56 8.44 -3.64
N ASN A 556 -17.67 8.89 -2.76
CA ASN A 556 -17.29 10.31 -2.79
C ASN A 556 -16.64 10.68 -4.12
N VAL A 557 -15.80 9.81 -4.66
CA VAL A 557 -15.09 10.10 -5.91
C VAL A 557 -15.94 9.75 -7.12
N VAL A 558 -16.63 8.61 -7.08
CA VAL A 558 -17.22 8.02 -8.28
C VAL A 558 -18.68 8.41 -8.43
N GLY A 559 -19.52 8.02 -7.47
CA GLY A 559 -20.95 8.24 -7.57
C GLY A 559 -21.74 6.99 -7.31
N ALA A 560 -21.08 5.83 -7.38
CA ALA A 560 -21.65 4.54 -7.02
C ALA A 560 -20.91 4.00 -5.81
N LYS A 561 -21.39 2.89 -5.26
CA LYS A 561 -20.80 2.35 -4.04
C LYS A 561 -20.44 0.88 -4.21
N ASN A 562 -19.99 0.48 -5.39
CA ASN A 562 -19.58 -0.89 -5.61
C ASN A 562 -18.65 -0.94 -6.81
N MET A 563 -18.09 -2.13 -7.06
CA MET A 563 -17.28 -2.36 -8.24
C MET A 563 -18.11 -2.23 -9.52
N ASN A 564 -17.41 -1.96 -10.61
CA ASN A 564 -18.05 -1.84 -11.91
C ASN A 564 -16.99 -2.01 -12.99
N VAL A 565 -17.39 -2.61 -14.11
CA VAL A 565 -16.46 -2.98 -15.17
C VAL A 565 -16.67 -2.16 -16.43
N ARG A 566 -17.58 -1.21 -16.42
CA ARG A 566 -17.89 -0.46 -17.63
C ARG A 566 -16.81 0.56 -18.02
N PRO A 567 -16.18 1.28 -17.09
CA PRO A 567 -15.08 2.16 -17.52
C PRO A 567 -13.85 1.40 -18.00
N LEU A 568 -13.59 0.20 -17.46
CA LEU A 568 -12.50 -0.62 -17.98
C LEU A 568 -12.73 -0.98 -19.43
N LEU A 569 -13.99 -1.24 -19.81
CA LEU A 569 -14.33 -1.54 -21.18
C LEU A 569 -14.44 -0.30 -22.04
N ASN A 570 -14.64 0.87 -21.43
CA ASN A 570 -14.61 2.12 -22.20
C ASN A 570 -13.19 2.52 -22.56
N TYR A 571 -12.22 2.16 -21.74
CA TYR A 571 -10.83 2.46 -22.05
C TYR A 571 -10.38 1.74 -23.32
N PHE A 572 -10.80 0.49 -23.50
CA PHE A 572 -10.31 -0.40 -24.55
C PHE A 572 -11.32 -0.56 -25.69
N GLU A 573 -12.05 0.48 -26.04
CA GLU A 573 -13.10 0.36 -27.03
C GLU A 573 -12.57 0.38 -28.47
N PRO A 574 -11.67 1.30 -28.84
CA PRO A 574 -11.10 1.24 -30.20
C PRO A 574 -10.36 -0.04 -30.49
N LEU A 575 -9.64 -0.58 -29.50
CA LEU A 575 -8.96 -1.85 -29.67
C LEU A 575 -9.96 -2.98 -29.85
N PHE A 576 -11.09 -2.93 -29.15
CA PHE A 576 -12.09 -3.97 -29.30
C PHE A 576 -12.69 -3.96 -30.70
N THR A 577 -12.98 -2.78 -31.23
CA THR A 577 -13.50 -2.71 -32.59
C THR A 577 -12.49 -3.21 -33.61
N TRP A 578 -11.22 -2.80 -33.46
CA TRP A 578 -10.18 -3.28 -34.36
C TRP A 578 -10.05 -4.80 -34.31
N LEU A 579 -10.06 -5.39 -33.10
CA LEU A 579 -9.93 -6.83 -32.98
C LEU A 579 -11.13 -7.56 -33.57
N LYS A 580 -12.33 -7.00 -33.39
CA LYS A 580 -13.52 -7.61 -33.98
C LYS A 580 -13.40 -7.65 -35.49
N ASP A 581 -12.80 -6.63 -36.09
CA ASP A 581 -12.60 -6.67 -37.53
C ASP A 581 -11.47 -7.59 -37.94
N GLN A 582 -10.43 -7.73 -37.10
CA GLN A 582 -9.30 -8.58 -37.46
C GLN A 582 -9.66 -10.06 -37.41
N ASN A 583 -10.51 -10.45 -36.47
CA ASN A 583 -10.86 -11.85 -36.29
C ASN A 583 -12.05 -12.27 -37.13
N LYS A 584 -12.27 -11.63 -38.29
CA LYS A 584 -13.48 -11.88 -39.07
C LYS A 584 -13.48 -13.28 -39.66
N ASN A 585 -12.32 -13.82 -40.00
CA ASN A 585 -12.23 -15.14 -40.61
C ASN A 585 -11.48 -16.14 -39.74
N SER A 586 -11.57 -15.97 -38.42
CA SER A 586 -10.92 -16.85 -37.46
C SER A 586 -11.98 -17.55 -36.62
N PHE A 587 -11.50 -18.44 -35.73
CA PHE A 587 -12.34 -19.05 -34.72
C PHE A 587 -12.10 -18.32 -33.40
N VAL A 588 -13.16 -17.84 -32.77
CA VAL A 588 -13.08 -17.11 -31.51
C VAL A 588 -13.64 -18.00 -30.42
N GLY A 589 -12.82 -18.31 -29.43
CA GLY A 589 -13.13 -19.30 -28.41
C GLY A 589 -12.29 -20.55 -28.59
N TRP A 590 -12.13 -21.28 -27.50
CA TRP A 590 -11.26 -22.44 -27.50
C TRP A 590 -12.05 -23.70 -27.13
N SER A 591 -11.42 -24.84 -27.35
CA SER A 591 -12.00 -26.14 -27.03
C SER A 591 -11.10 -26.83 -26.02
N THR A 592 -11.69 -27.36 -24.96
CA THR A 592 -10.94 -27.90 -23.84
C THR A 592 -10.49 -29.34 -24.06
N ASP A 593 -10.47 -29.82 -25.30
CA ASP A 593 -10.10 -31.19 -25.61
C ASP A 593 -8.72 -31.34 -26.25
N TRP A 594 -8.30 -30.40 -27.08
CA TRP A 594 -6.99 -30.49 -27.71
C TRP A 594 -5.90 -30.27 -26.68
N SER A 595 -4.91 -31.17 -26.67
CA SER A 595 -3.76 -31.09 -25.79
C SER A 595 -2.51 -31.44 -26.58
N PRO A 596 -1.38 -30.80 -26.27
CA PRO A 596 -0.15 -31.01 -27.05
C PRO A 596 0.55 -32.34 -26.81
N TYR A 597 -0.10 -33.32 -26.20
CA TYR A 597 0.53 -34.61 -25.94
C TYR A 597 -0.44 -35.74 -26.17
N VAL B 9 12.97 35.74 30.37
CA VAL B 9 14.32 35.40 29.95
C VAL B 9 14.29 34.81 28.54
N PHE B 10 14.74 35.59 27.57
CA PHE B 10 14.71 35.19 26.18
C PHE B 10 15.94 34.43 25.73
N ASN B 11 16.96 34.30 26.59
CA ASN B 11 18.23 33.77 26.13
C ASN B 11 18.85 32.77 27.11
N ALA B 12 18.06 32.21 28.03
CA ALA B 12 18.59 31.22 28.96
C ALA B 12 19.01 29.96 28.21
N THR B 13 19.94 29.22 28.80
CA THR B 13 20.48 28.03 28.15
C THR B 13 19.62 26.80 28.31
N ARG B 14 18.68 26.80 29.27
CA ARG B 14 17.82 25.64 29.51
C ARG B 14 16.43 26.13 29.88
N PHE B 15 15.44 25.69 29.12
CA PHE B 15 14.05 26.05 29.37
C PHE B 15 13.37 24.98 30.21
N ALA B 16 12.20 25.32 30.76
CA ALA B 16 11.48 24.41 31.64
C ALA B 16 10.65 23.44 30.81
N SER B 17 9.73 22.74 31.45
CA SER B 17 8.70 21.95 30.79
C SER B 17 7.37 22.70 30.86
N VAL B 18 6.43 22.29 30.00
CA VAL B 18 5.20 23.06 29.89
C VAL B 18 4.32 22.85 31.11
N TYR B 19 4.37 21.67 31.74
CA TYR B 19 3.61 21.44 32.96
C TYR B 19 4.24 22.08 34.18
N ALA B 20 5.52 22.44 34.10
CA ALA B 20 6.24 23.08 35.19
C ALA B 20 6.85 24.38 34.70
N TRP B 21 6.04 25.21 34.05
CA TRP B 21 6.53 26.43 33.42
C TRP B 21 7.13 27.40 34.45
N ASN B 22 8.15 28.12 34.01
CA ASN B 22 8.88 29.07 34.84
C ASN B 22 8.12 30.39 34.95
N ARG B 23 8.56 31.23 35.89
CA ARG B 23 8.03 32.58 36.01
C ARG B 23 9.11 33.48 36.59
N LYS B 24 9.20 34.69 36.06
CA LYS B 24 10.17 35.67 36.55
C LYS B 24 9.59 37.08 36.50
N ALA B 40 14.56 38.80 15.95
CA ALA B 40 15.59 37.81 15.64
C ALA B 40 15.09 36.81 14.61
N SER B 41 14.62 35.66 15.09
CA SER B 41 14.07 34.61 14.24
C SER B 41 12.73 34.14 14.78
N PHE B 42 11.93 35.08 15.28
CA PHE B 42 10.69 34.76 15.98
C PHE B 42 9.68 34.18 14.98
N SER B 43 9.46 32.88 15.07
CA SER B 43 8.47 32.22 14.21
C SER B 43 7.07 32.77 14.47
N THR B 44 6.79 33.16 15.71
CA THR B 44 5.47 33.66 16.07
C THR B 44 5.63 34.83 17.04
N PHE B 45 5.04 35.96 16.70
CA PHE B 45 5.03 37.15 17.56
C PHE B 45 3.62 37.72 17.49
N LYS B 46 2.75 37.27 18.38
CA LYS B 46 1.35 37.66 18.35
C LYS B 46 1.03 38.44 19.62
N CYS B 47 0.72 39.72 19.46
CA CYS B 47 0.35 40.58 20.57
C CYS B 47 -1.17 40.74 20.63
N TYR B 48 -1.69 40.83 21.85
CA TYR B 48 -3.12 40.85 22.08
C TYR B 48 -3.55 42.14 22.79
N TYR B 64 5.30 39.92 33.90
CA TYR B 64 5.87 38.60 34.12
C TYR B 64 6.31 37.97 32.80
N ALA B 65 7.15 36.93 32.88
CA ALA B 65 7.69 36.27 31.69
C ALA B 65 7.69 34.77 31.92
N ASP B 66 6.68 34.09 31.38
CA ASP B 66 6.60 32.64 31.47
C ASP B 66 7.37 32.02 30.32
N SER B 67 8.05 30.91 30.59
CA SER B 67 8.93 30.29 29.62
C SER B 67 8.72 28.78 29.63
N PHE B 68 8.58 28.18 28.46
CA PHE B 68 8.53 26.72 28.40
C PHE B 68 8.85 26.25 26.98
N VAL B 69 8.74 24.93 26.79
CA VAL B 69 9.03 24.28 25.51
C VAL B 69 7.86 23.39 25.15
N ILE B 70 7.34 23.54 23.94
CA ILE B 70 6.26 22.68 23.46
C ILE B 70 6.61 22.15 22.07
N ARG B 71 5.66 21.45 21.46
CA ARG B 71 5.77 20.91 20.13
C ARG B 71 5.40 21.96 19.08
N GLY B 72 5.68 21.65 17.83
CA GLY B 72 5.44 22.59 16.76
C GLY B 72 3.99 23.01 16.56
N ASP B 73 3.11 22.06 16.26
CA ASP B 73 1.74 22.37 15.92
C ASP B 73 0.84 22.57 17.14
N GLU B 74 1.40 22.69 18.34
CA GLU B 74 0.63 23.03 19.52
C GLU B 74 0.73 24.50 19.89
N VAL B 75 1.58 25.26 19.21
CA VAL B 75 1.75 26.68 19.50
C VAL B 75 0.44 27.43 19.30
N ARG B 76 -0.43 26.94 18.43
CA ARG B 76 -1.72 27.57 18.22
C ARG B 76 -2.58 27.55 19.47
N GLN B 77 -2.31 26.66 20.42
CA GLN B 77 -3.13 26.56 21.62
C GLN B 77 -2.77 27.58 22.68
N ILE B 78 -1.68 28.32 22.50
CA ILE B 78 -1.30 29.36 23.47
C ILE B 78 -1.99 30.63 22.99
N ALA B 79 -3.27 30.74 23.32
CA ALA B 79 -4.11 31.85 22.90
C ALA B 79 -5.43 31.81 23.65
N PRO B 80 -6.09 32.94 23.86
CA PRO B 80 -7.34 32.94 24.63
C PRO B 80 -8.44 32.19 23.88
N GLY B 81 -9.14 31.31 24.60
CA GLY B 81 -10.25 30.59 24.04
C GLY B 81 -9.90 29.33 23.28
N GLN B 82 -8.72 28.77 23.50
CA GLN B 82 -8.27 27.58 22.80
C GLN B 82 -8.58 26.34 23.64
N THR B 83 -8.39 25.17 23.02
CA THR B 83 -8.73 23.91 23.66
C THR B 83 -7.80 22.83 23.14
N GLY B 84 -7.46 21.88 24.01
CA GLY B 84 -6.58 20.77 23.65
C GLY B 84 -6.10 20.07 24.90
N LYS B 85 -4.86 19.55 24.82
CA LYS B 85 -4.19 19.07 26.02
C LYS B 85 -3.41 20.17 26.71
N ILE B 86 -2.77 21.06 25.94
CA ILE B 86 -1.94 22.10 26.51
C ILE B 86 -2.80 23.17 27.19
N ALA B 87 -3.92 23.52 26.61
CA ALA B 87 -4.78 24.55 27.18
C ALA B 87 -5.77 23.99 28.18
N ASP B 88 -5.75 22.68 28.40
CA ASP B 88 -6.67 22.05 29.36
C ASP B 88 -5.91 21.61 30.60
N TYR B 89 -4.80 20.92 30.41
CA TYR B 89 -4.11 20.25 31.49
C TYR B 89 -2.74 20.84 31.79
N ASN B 90 -2.19 21.67 30.91
CA ASN B 90 -0.81 22.14 31.07
C ASN B 90 -0.74 23.65 31.30
N TYR B 91 -1.30 24.46 30.41
CA TYR B 91 -1.12 25.91 30.50
C TYR B 91 -2.32 26.60 29.87
N LYS B 92 -3.10 27.31 30.67
CA LYS B 92 -4.33 27.96 30.24
C LYS B 92 -4.20 29.46 30.27
N LEU B 93 -4.77 30.13 29.26
CA LEU B 93 -4.82 31.59 29.23
C LEU B 93 -6.27 32.07 29.30
N PRO B 94 -6.54 33.12 30.07
CA PRO B 94 -7.92 33.60 30.19
C PRO B 94 -8.43 34.16 28.88
N ASP B 95 -9.74 34.40 28.84
CA ASP B 95 -10.38 34.88 27.61
C ASP B 95 -10.16 36.37 27.38
N ASP B 96 -9.83 37.13 28.43
CA ASP B 96 -9.59 38.57 28.34
C ASP B 96 -8.14 38.83 28.72
N PHE B 97 -7.24 38.75 27.74
CA PHE B 97 -5.80 38.83 27.95
C PHE B 97 -5.25 40.12 27.36
N THR B 98 -4.11 40.55 27.90
CA THR B 98 -3.50 41.82 27.50
C THR B 98 -2.05 41.72 27.04
N GLY B 99 -1.31 40.70 27.42
CA GLY B 99 0.10 40.62 27.07
C GLY B 99 0.38 40.20 25.64
N CYS B 100 1.49 39.51 25.43
CA CYS B 100 1.93 39.06 24.11
C CYS B 100 2.35 37.60 24.18
N VAL B 101 2.63 37.03 23.01
CA VAL B 101 3.11 35.65 22.91
C VAL B 101 4.24 35.62 21.89
N ILE B 102 5.36 34.99 22.27
CA ILE B 102 6.53 34.87 21.39
C ILE B 102 6.92 33.40 21.35
N ALA B 103 7.25 32.90 20.16
CA ALA B 103 7.64 31.51 20.00
C ALA B 103 8.61 31.38 18.85
N TRP B 104 9.57 30.48 18.98
CA TRP B 104 10.54 30.27 17.91
C TRP B 104 11.12 28.87 17.99
N ASN B 105 11.49 28.34 16.82
CA ASN B 105 12.00 26.98 16.73
C ASN B 105 13.25 26.81 17.58
N SER B 106 13.53 25.56 17.96
CA SER B 106 14.70 25.25 18.76
C SER B 106 15.32 23.91 18.39
N ASN B 107 15.19 23.50 17.13
CA ASN B 107 15.57 22.13 16.76
C ASN B 107 17.07 21.88 16.87
N ASN B 108 17.90 22.90 16.83
CA ASN B 108 19.35 22.70 16.88
C ASN B 108 19.90 22.70 18.30
N LEU B 109 19.06 22.88 19.30
CA LEU B 109 19.48 22.87 20.70
C LEU B 109 18.77 21.82 21.52
N ASP B 110 17.47 21.60 21.30
CA ASP B 110 16.65 20.74 22.15
C ASP B 110 16.30 19.41 21.49
N SER B 111 17.24 18.82 20.76
CA SER B 111 16.98 17.51 20.17
C SER B 111 18.31 16.87 19.81
N LYS B 112 18.35 15.54 19.88
CA LYS B 112 19.59 14.82 19.67
C LYS B 112 19.30 13.47 19.05
N LYS B 113 20.31 12.95 18.35
CA LYS B 113 20.21 11.63 17.73
C LYS B 113 20.03 10.57 18.81
N GLY B 114 18.86 9.94 18.84
CA GLY B 114 18.55 8.96 19.86
C GLY B 114 17.32 9.34 20.67
N GLY B 115 17.17 10.63 20.94
CA GLY B 115 15.98 11.10 21.64
C GLY B 115 16.28 11.96 22.84
N ASN B 116 15.50 13.01 23.04
CA ASN B 116 15.62 13.91 24.17
C ASN B 116 14.37 13.76 25.02
N TYR B 117 14.45 12.89 26.04
CA TYR B 117 13.31 12.55 26.87
C TYR B 117 13.26 13.38 28.16
N ASN B 118 13.78 14.60 28.14
CA ASN B 118 13.80 15.45 29.31
C ASN B 118 12.66 16.46 29.33
N TYR B 119 11.79 16.47 28.33
CA TYR B 119 10.70 17.43 28.23
C TYR B 119 9.37 16.69 28.32
N LEU B 120 8.48 17.18 29.19
CA LEU B 120 7.27 16.46 29.60
C LEU B 120 6.05 17.35 29.45
N TYR B 121 4.88 16.71 29.44
CA TYR B 121 3.60 17.39 29.45
C TYR B 121 2.57 16.46 30.11
N ARG B 122 1.55 17.06 30.71
CA ARG B 122 0.51 16.30 31.39
C ARG B 122 -0.58 15.86 30.42
N LEU B 123 -0.95 14.59 30.49
CA LEU B 123 -1.91 13.96 29.60
C LEU B 123 -3.29 13.79 30.22
N PHE B 124 -3.36 13.44 31.50
CA PHE B 124 -4.62 13.17 32.19
C PHE B 124 -4.79 14.09 33.38
N ARG B 125 -6.02 14.54 33.60
CA ARG B 125 -6.34 15.35 34.77
C ARG B 125 -7.82 15.20 35.07
N LYS B 126 -8.20 15.47 36.31
CA LYS B 126 -9.59 15.31 36.72
C LYS B 126 -10.46 16.44 36.16
N SER B 127 -9.92 17.63 36.00
CA SER B 127 -10.69 18.75 35.48
C SER B 127 -9.74 19.77 34.88
N LYS B 128 -10.29 20.64 34.03
CA LYS B 128 -9.47 21.62 33.35
C LYS B 128 -8.88 22.61 34.35
N LEU B 129 -7.82 23.29 33.91
CA LEU B 129 -7.13 24.24 34.76
C LEU B 129 -7.93 25.53 34.89
N LYS B 130 -7.36 26.49 35.59
CA LYS B 130 -7.80 27.87 35.64
C LYS B 130 -6.71 28.74 35.04
N PRO B 131 -7.04 29.94 34.57
CA PRO B 131 -6.01 30.80 33.99
C PRO B 131 -4.84 31.03 34.95
N PHE B 132 -3.65 30.76 34.45
CA PHE B 132 -2.37 30.93 35.15
C PHE B 132 -2.18 29.99 36.33
N GLU B 133 -3.02 28.96 36.46
CA GLU B 133 -2.79 27.96 37.50
C GLU B 133 -1.65 27.03 37.08
N ARG B 134 -1.15 26.27 38.04
CA ARG B 134 0.01 25.42 37.81
C ARG B 134 -0.13 24.16 38.65
N ASP B 135 0.18 23.01 38.04
CA ASP B 135 0.00 21.71 38.69
C ASP B 135 1.26 20.88 38.47
N THR B 136 2.06 20.71 39.52
CA THR B 136 3.30 19.96 39.47
C THR B 136 3.16 18.60 40.14
N SER B 137 1.95 18.18 40.46
CA SER B 137 1.68 16.90 41.10
C SER B 137 2.15 15.75 40.22
N MET B 138 2.36 14.59 40.85
CA MET B 138 2.71 13.39 40.11
C MET B 138 1.93 12.19 40.64
N GLU B 139 0.65 12.38 40.88
CA GLU B 139 -0.21 11.35 41.45
C GLU B 139 -0.79 10.47 40.33
N ILE B 140 -0.97 9.19 40.63
CA ILE B 140 -1.58 8.28 39.68
C ILE B 140 -3.01 8.71 39.41
N TYR B 141 -3.41 8.65 38.14
CA TYR B 141 -4.73 9.07 37.69
C TYR B 141 -5.64 7.85 37.60
N GLN B 142 -6.73 7.84 38.35
CA GLN B 142 -7.67 6.73 38.32
C GLN B 142 -8.79 7.04 37.34
N ALA B 143 -9.01 6.13 36.41
CA ALA B 143 -9.96 6.35 35.32
C ALA B 143 -11.19 5.46 35.41
N GLY B 144 -11.29 4.62 36.43
CA GLY B 144 -12.43 3.73 36.55
C GLY B 144 -13.23 3.92 37.83
N ASN B 145 -13.49 2.82 38.51
CA ASN B 145 -14.27 2.83 39.75
C ASN B 145 -13.54 2.24 40.94
N THR B 146 -12.59 1.34 40.72
CA THR B 146 -11.81 0.91 41.87
C THR B 146 -10.52 1.72 41.96
N PRO B 147 -10.05 2.16 43.17
CA PRO B 147 -8.89 3.04 43.28
C PRO B 147 -7.50 2.45 43.05
N CYS B 148 -6.51 3.31 42.93
CA CYS B 148 -5.15 2.89 42.68
C CYS B 148 -4.54 2.74 44.05
N ASN B 149 -3.51 1.91 44.25
CA ASN B 149 -2.92 1.88 45.61
C ASN B 149 -1.75 2.86 45.53
N GLY B 150 -1.87 3.85 44.66
CA GLY B 150 -0.70 4.69 44.35
C GLY B 150 0.16 3.90 43.35
N VAL B 151 -0.36 2.80 42.76
CA VAL B 151 0.42 2.07 41.71
C VAL B 151 -0.34 1.99 40.39
N LYS B 152 0.37 1.98 39.27
CA LYS B 152 -0.15 1.78 37.92
C LYS B 152 -0.74 0.39 37.78
N GLY B 153 -1.46 0.19 36.69
CA GLY B 153 -2.15 -1.05 36.43
C GLY B 153 -3.37 -0.80 35.56
N PHE B 154 -4.32 -1.73 35.64
CA PHE B 154 -5.53 -1.64 34.85
C PHE B 154 -6.32 -0.40 35.21
N ASN B 155 -6.41 0.55 34.27
CA ASN B 155 -7.20 1.78 34.37
C ASN B 155 -6.59 2.82 35.29
N CYS B 156 -5.31 2.67 35.64
CA CYS B 156 -4.60 3.67 36.45
C CYS B 156 -3.33 4.04 35.71
N TYR B 157 -3.21 5.31 35.33
CA TYR B 157 -2.16 5.77 34.43
C TYR B 157 -1.30 6.82 35.10
N PHE B 158 0.00 6.76 34.84
CA PHE B 158 0.90 7.83 35.24
C PHE B 158 0.66 9.03 34.34
N PRO B 159 0.39 10.22 34.90
CA PRO B 159 -0.22 11.29 34.10
C PRO B 159 0.74 12.09 33.23
N LEU B 160 2.05 11.84 33.27
CA LEU B 160 3.01 12.65 32.54
C LEU B 160 3.60 11.86 31.38
N GLN B 161 3.85 12.55 30.26
CA GLN B 161 4.34 11.92 29.05
C GLN B 161 5.36 12.84 28.39
N SER B 162 6.37 12.26 27.77
CA SER B 162 7.51 13.01 27.23
C SER B 162 7.45 13.11 25.72
N TYR B 163 7.88 14.25 25.19
CA TYR B 163 8.23 14.37 23.78
C TYR B 163 9.64 13.82 23.60
N GLY B 164 9.80 12.82 22.75
CA GLY B 164 11.16 12.38 22.46
C GLY B 164 11.69 13.05 21.22
N PHE B 165 12.40 14.16 21.40
CA PHE B 165 12.70 15.08 20.30
C PHE B 165 13.89 14.56 19.50
N ARG B 166 13.79 14.62 18.18
CA ARG B 166 14.83 14.22 17.25
C ARG B 166 14.98 15.23 16.12
N PRO B 167 16.17 15.33 15.52
CA PRO B 167 16.35 16.30 14.43
C PRO B 167 15.67 15.90 13.13
N THR B 168 15.45 14.61 12.88
CA THR B 168 14.74 14.14 11.70
C THR B 168 13.26 13.96 11.98
N TYR B 169 12.61 14.97 12.53
CA TYR B 169 11.17 15.00 12.73
C TYR B 169 10.54 16.01 11.78
N GLY B 170 9.25 15.85 11.55
CA GLY B 170 8.53 16.85 10.79
C GLY B 170 8.48 18.18 11.51
N VAL B 171 8.20 19.24 10.75
CA VAL B 171 8.24 20.59 11.30
C VAL B 171 7.19 20.78 12.40
N GLY B 172 6.15 19.94 12.40
CA GLY B 172 5.17 20.01 13.46
C GLY B 172 5.51 19.21 14.69
N TYR B 173 6.59 18.42 14.63
CA TYR B 173 7.00 17.57 15.74
C TYR B 173 8.35 17.98 16.31
N GLN B 174 8.86 19.13 15.96
CA GLN B 174 10.14 19.68 16.36
C GLN B 174 9.97 20.65 17.53
N PRO B 175 10.99 20.78 18.38
CA PRO B 175 10.85 21.62 19.58
C PRO B 175 10.55 23.08 19.25
N TYR B 176 9.84 23.74 20.15
CA TYR B 176 9.57 25.17 20.03
C TYR B 176 9.65 25.81 21.39
N ARG B 177 10.42 26.90 21.50
CA ARG B 177 10.57 27.66 22.74
C ARG B 177 9.56 28.79 22.76
N VAL B 178 8.84 28.93 23.88
CA VAL B 178 7.75 29.89 24.00
C VAL B 178 7.97 30.74 25.23
N VAL B 179 7.69 32.05 25.08
CA VAL B 179 7.74 33.02 26.18
C VAL B 179 6.48 33.87 26.12
N VAL B 180 5.79 33.98 27.25
CA VAL B 180 4.54 34.74 27.36
C VAL B 180 4.76 35.90 28.31
N LEU B 181 4.44 37.10 27.86
CA LEU B 181 4.63 38.33 28.64
C LEU B 181 3.31 38.75 29.28
N SER B 182 3.40 39.30 30.48
CA SER B 182 2.23 39.69 31.28
C SER B 182 1.29 38.51 31.51
ZN ZN C . 2.99 1.12 -5.69
C1 NAG D . -0.41 23.47 -17.48
C2 NAG D . 0.11 22.96 -18.83
C3 NAG D . 1.44 23.62 -19.17
C4 NAG D . 1.33 25.13 -19.07
C5 NAG D . 0.78 25.53 -17.71
C6 NAG D . 0.55 27.02 -17.58
C7 NAG D . -0.65 20.69 -19.39
C8 NAG D . -0.35 19.23 -19.30
N2 NAG D . 0.24 21.52 -18.83
O3 NAG D . 1.82 23.25 -20.49
O4 NAG D . 2.63 25.72 -19.25
O5 NAG D . -0.48 24.88 -17.50
O6 NAG D . -0.29 27.51 -18.60
O7 NAG D . -1.66 21.11 -19.94
C1 NAG E . -16.85 9.53 18.56
C2 NAG E . -17.77 10.74 18.39
C3 NAG E . -17.01 11.91 17.77
C4 NAG E . -15.75 12.22 18.59
C5 NAG E . -14.91 10.95 18.73
C6 NAG E . -13.70 11.15 19.62
C7 NAG E . -20.17 10.33 18.05
C8 NAG E . -21.23 9.96 17.06
N2 NAG E . -18.92 10.40 17.57
O3 NAG E . -17.85 13.05 17.72
O4 NAG E . -14.99 13.24 17.96
O5 NAG E . -15.70 9.91 19.32
O6 NAG E . -12.98 9.93 19.79
O7 NAG E . -20.43 10.54 19.23
C1 NAG F . 27.41 2.75 6.58
C2 NAG F . 27.72 4.21 6.94
C3 NAG F . 29.08 4.30 7.62
C4 NAG F . 29.12 3.38 8.83
C5 NAG F . 28.76 1.96 8.42
C6 NAG F . 28.66 1.02 9.60
C7 NAG F . 27.21 6.31 5.80
C8 NAG F . 27.24 7.06 4.50
N2 NAG F . 27.67 5.05 5.76
O3 NAG F . 29.31 5.64 8.02
O4 NAG F . 30.43 3.40 9.39
O5 NAG F . 27.49 1.94 7.76
O6 NAG F . 27.51 0.19 9.51
O7 NAG F . 26.80 6.83 6.83
#